data_1BHP
# 
_entry.id   1BHP 
# 
_audit_conform.dict_name       mmcif_pdbx.dic 
_audit_conform.dict_version    5.399 
_audit_conform.dict_location   http://mmcif.pdb.org/dictionaries/ascii/mmcif_pdbx.dic 
# 
loop_
_database_2.database_id 
_database_2.database_code 
_database_2.pdbx_database_accession 
_database_2.pdbx_DOI 
PDB   1BHP         pdb_00001bhp 10.2210/pdb1bhp/pdb 
WWPDB D_1000171770 ?            ?                   
# 
loop_
_pdbx_audit_revision_history.ordinal 
_pdbx_audit_revision_history.data_content_type 
_pdbx_audit_revision_history.major_revision 
_pdbx_audit_revision_history.minor_revision 
_pdbx_audit_revision_history.revision_date 
1 'Structure model' 1 0 1996-03-15 
2 'Structure model' 1 1 2008-03-03 
3 'Structure model' 1 2 2011-07-13 
4 'Structure model' 1 3 2024-06-05 
5 'Structure model' 1 4 2024-11-20 
# 
_pdbx_audit_revision_details.ordinal             1 
_pdbx_audit_revision_details.revision_ordinal    1 
_pdbx_audit_revision_details.data_content_type   'Structure model' 
_pdbx_audit_revision_details.provider            repository 
_pdbx_audit_revision_details.type                'Initial release' 
_pdbx_audit_revision_details.description         ? 
_pdbx_audit_revision_details.details             ? 
# 
loop_
_pdbx_audit_revision_group.ordinal 
_pdbx_audit_revision_group.revision_ordinal 
_pdbx_audit_revision_group.data_content_type 
_pdbx_audit_revision_group.group 
1 2 'Structure model' 'Version format compliance' 
2 3 'Structure model' 'Non-polymer description'   
3 3 'Structure model' 'Version format compliance' 
4 4 'Structure model' 'Data collection'           
5 4 'Structure model' 'Database references'       
6 4 'Structure model' 'Derived calculations'      
7 4 'Structure model' Other                       
8 5 'Structure model' 'Structure summary'         
# 
loop_
_pdbx_audit_revision_category.ordinal 
_pdbx_audit_revision_category.revision_ordinal 
_pdbx_audit_revision_category.data_content_type 
_pdbx_audit_revision_category.category 
1 4 'Structure model' chem_comp_atom            
2 4 'Structure model' chem_comp_bond            
3 4 'Structure model' database_2                
4 4 'Structure model' pdbx_database_status      
5 4 'Structure model' struct_site               
6 5 'Structure model' pdbx_entry_details        
7 5 'Structure model' pdbx_modification_feature 
# 
loop_
_pdbx_audit_revision_item.ordinal 
_pdbx_audit_revision_item.revision_ordinal 
_pdbx_audit_revision_item.data_content_type 
_pdbx_audit_revision_item.item 
1 4 'Structure model' '_database_2.pdbx_DOI'                
2 4 'Structure model' '_database_2.pdbx_database_accession' 
3 4 'Structure model' '_pdbx_database_status.process_site'  
4 4 'Structure model' '_struct_site.pdbx_auth_asym_id'      
5 4 'Structure model' '_struct_site.pdbx_auth_comp_id'      
6 4 'Structure model' '_struct_site.pdbx_auth_seq_id'       
# 
_pdbx_database_status.status_code                     REL 
_pdbx_database_status.entry_id                        1BHP 
_pdbx_database_status.recvd_initial_deposition_date   1995-03-15 
_pdbx_database_status.deposit_site                    ? 
_pdbx_database_status.process_site                    BNL 
_pdbx_database_status.status_code_sf                  REL 
_pdbx_database_status.status_code_mr                  ? 
_pdbx_database_status.SG_entry                        ? 
_pdbx_database_status.pdb_format_compatible           Y 
_pdbx_database_status.status_code_cs                  ? 
_pdbx_database_status.status_code_nmr_data            ? 
_pdbx_database_status.methods_development_category    ? 
# 
loop_
_audit_author.name 
_audit_author.pdbx_ordinal 
'Teeter, M.M.' 1 
'Stec, B.'     2 
'Rao, U.'      3 
# 
_citation.id                        primary 
_citation.title                     
;Refinement of purothionins reveals solute particles important for lattice formation and toxicity. Part 2: structure of beta-purothionin at 1.7 A resolution.
;
_citation.journal_abbrev            'Acta Crystallogr.,Sect.D' 
_citation.journal_volume            51 
_citation.page_first                914 
_citation.page_last                 924 
_citation.year                      1995 
_citation.journal_id_ASTM           ABCRE6 
_citation.country                   DK 
_citation.journal_id_ISSN           0907-4449 
_citation.journal_id_CSD            0766 
_citation.book_publisher            ? 
_citation.pdbx_database_id_PubMed   15299761 
_citation.pdbx_database_id_DOI      10.1107/S0907444995002976 
# 
loop_
_citation_author.citation_id 
_citation_author.name 
_citation_author.ordinal 
_citation_author.identifier_ORCID 
primary 'Stec, B.'     1 ? 
primary 'Rao, U.'      2 ? 
primary 'Teeter, M.M.' 3 ? 
# 
loop_
_entity.id 
_entity.type 
_entity.src_method 
_entity.pdbx_description 
_entity.formula_weight 
_entity.pdbx_number_of_molecules 
_entity.pdbx_ec 
_entity.pdbx_mutation 
_entity.pdbx_fragment 
_entity.details 
1 polymer     nat BETA-PUROTHIONIN 4936.940 1  ? ? ? ? 
2 non-polymer syn 'PHOSPHATE ION'  94.971   1  ? ? ? ? 
3 non-polymer syn 'ACETATE ION'    59.044   2  ? ? ? ? 
4 non-polymer syn GLYCEROL         92.094   2  ? ? ? ? 
5 water       nat water            18.015   77 ? ? ? ? 
# 
_entity_poly.entity_id                      1 
_entity_poly.type                           'polypeptide(L)' 
_entity_poly.nstd_linkage                   no 
_entity_poly.nstd_monomer                   no 
_entity_poly.pdbx_seq_one_letter_code       KSCCKSTLGRNCYNLCRARGAQKLCANVCRCKLTSGLSCPKDFPK 
_entity_poly.pdbx_seq_one_letter_code_can   KSCCKSTLGRNCYNLCRARGAQKLCANVCRCKLTSGLSCPKDFPK 
_entity_poly.pdbx_strand_id                 A 
_entity_poly.pdbx_target_identifier         ? 
# 
loop_
_pdbx_entity_nonpoly.entity_id 
_pdbx_entity_nonpoly.name 
_pdbx_entity_nonpoly.comp_id 
2 'PHOSPHATE ION' PO4 
3 'ACETATE ION'   ACT 
4 GLYCEROL        GOL 
5 water           HOH 
# 
loop_
_entity_poly_seq.entity_id 
_entity_poly_seq.num 
_entity_poly_seq.mon_id 
_entity_poly_seq.hetero 
1 1  LYS n 
1 2  SER n 
1 3  CYS n 
1 4  CYS n 
1 5  LYS n 
1 6  SER n 
1 7  THR n 
1 8  LEU n 
1 9  GLY n 
1 10 ARG n 
1 11 ASN n 
1 12 CYS n 
1 13 TYR n 
1 14 ASN n 
1 15 LEU n 
1 16 CYS n 
1 17 ARG n 
1 18 ALA n 
1 19 ARG n 
1 20 GLY n 
1 21 ALA n 
1 22 GLN n 
1 23 LYS n 
1 24 LEU n 
1 25 CYS n 
1 26 ALA n 
1 27 ASN n 
1 28 VAL n 
1 29 CYS n 
1 30 ARG n 
1 31 CYS n 
1 32 LYS n 
1 33 LEU n 
1 34 THR n 
1 35 SER n 
1 36 GLY n 
1 37 LEU n 
1 38 SER n 
1 39 CYS n 
1 40 PRO n 
1 41 LYS n 
1 42 ASP n 
1 43 PHE n 
1 44 PRO n 
1 45 LYS n 
# 
_entity_src_nat.entity_id                  1 
_entity_src_nat.pdbx_src_id                1 
_entity_src_nat.pdbx_alt_source_flag       sample 
_entity_src_nat.pdbx_beg_seq_num           ? 
_entity_src_nat.pdbx_end_seq_num           ? 
_entity_src_nat.common_name                'bread wheat' 
_entity_src_nat.pdbx_organism_scientific   'Triticum aestivum' 
_entity_src_nat.pdbx_ncbi_taxonomy_id      4565 
_entity_src_nat.genus                      Triticum 
_entity_src_nat.species                    ? 
_entity_src_nat.strain                     ? 
_entity_src_nat.tissue                     GRAIN 
_entity_src_nat.tissue_fraction            ? 
_entity_src_nat.pdbx_secretion             ? 
_entity_src_nat.pdbx_fragment              ? 
_entity_src_nat.pdbx_variant               ? 
_entity_src_nat.pdbx_cell_line             ? 
_entity_src_nat.pdbx_atcc                  ? 
_entity_src_nat.pdbx_cellular_location     ? 
_entity_src_nat.pdbx_organ                 ? 
_entity_src_nat.pdbx_organelle             ? 
_entity_src_nat.pdbx_cell                  ? 
_entity_src_nat.pdbx_plasmid_name          ? 
_entity_src_nat.pdbx_plasmid_details       ? 
_entity_src_nat.details                    ? 
# 
loop_
_chem_comp.id 
_chem_comp.type 
_chem_comp.mon_nstd_flag 
_chem_comp.name 
_chem_comp.pdbx_synonyms 
_chem_comp.formula 
_chem_comp.formula_weight 
ACT non-polymer         . 'ACETATE ION'   ?                               'C2 H3 O2 -1'    59.044  
ALA 'L-peptide linking' y ALANINE         ?                               'C3 H7 N O2'     89.093  
ARG 'L-peptide linking' y ARGININE        ?                               'C6 H15 N4 O2 1' 175.209 
ASN 'L-peptide linking' y ASPARAGINE      ?                               'C4 H8 N2 O3'    132.118 
ASP 'L-peptide linking' y 'ASPARTIC ACID' ?                               'C4 H7 N O4'     133.103 
CYS 'L-peptide linking' y CYSTEINE        ?                               'C3 H7 N O2 S'   121.158 
GLN 'L-peptide linking' y GLUTAMINE       ?                               'C5 H10 N2 O3'   146.144 
GLY 'peptide linking'   y GLYCINE         ?                               'C2 H5 N O2'     75.067  
GOL non-polymer         . GLYCEROL        'GLYCERIN; PROPANE-1,2,3-TRIOL' 'C3 H8 O3'       92.094  
HOH non-polymer         . WATER           ?                               'H2 O'           18.015  
LEU 'L-peptide linking' y LEUCINE         ?                               'C6 H13 N O2'    131.173 
LYS 'L-peptide linking' y LYSINE          ?                               'C6 H15 N2 O2 1' 147.195 
PHE 'L-peptide linking' y PHENYLALANINE   ?                               'C9 H11 N O2'    165.189 
PO4 non-polymer         . 'PHOSPHATE ION' ?                               'O4 P -3'        94.971  
PRO 'L-peptide linking' y PROLINE         ?                               'C5 H9 N O2'     115.130 
SER 'L-peptide linking' y SERINE          ?                               'C3 H7 N O3'     105.093 
THR 'L-peptide linking' y THREONINE       ?                               'C4 H9 N O3'     119.119 
TYR 'L-peptide linking' y TYROSINE        ?                               'C9 H11 N O3'    181.189 
VAL 'L-peptide linking' y VALINE          ?                               'C5 H11 N O2'    117.146 
# 
loop_
_pdbx_poly_seq_scheme.asym_id 
_pdbx_poly_seq_scheme.entity_id 
_pdbx_poly_seq_scheme.seq_id 
_pdbx_poly_seq_scheme.mon_id 
_pdbx_poly_seq_scheme.ndb_seq_num 
_pdbx_poly_seq_scheme.pdb_seq_num 
_pdbx_poly_seq_scheme.auth_seq_num 
_pdbx_poly_seq_scheme.pdb_mon_id 
_pdbx_poly_seq_scheme.auth_mon_id 
_pdbx_poly_seq_scheme.pdb_strand_id 
_pdbx_poly_seq_scheme.pdb_ins_code 
_pdbx_poly_seq_scheme.hetero 
A 1 1  LYS 1  1  1  LYS LYS A . n 
A 1 2  SER 2  2  2  SER SER A . n 
A 1 3  CYS 3  3  3  CYS CYS A . n 
A 1 4  CYS 4  4  4  CYS CYS A . n 
A 1 5  LYS 5  5  5  LYS LYS A . n 
A 1 6  SER 6  6  6  SER SER A . n 
A 1 7  THR 7  7  7  THR THR A . n 
A 1 8  LEU 8  8  8  LEU LEU A . n 
A 1 9  GLY 9  9  9  GLY GLY A . n 
A 1 10 ARG 10 10 10 ARG ARG A . n 
A 1 11 ASN 11 11 11 ASN ASN A . n 
A 1 12 CYS 12 12 12 CYS CYS A . n 
A 1 13 TYR 13 13 13 TYR TYR A . n 
A 1 14 ASN 14 14 14 ASN ASN A . n 
A 1 15 LEU 15 15 15 LEU LEU A . n 
A 1 16 CYS 16 16 16 CYS CYS A . n 
A 1 17 ARG 17 17 17 ARG ARG A . n 
A 1 18 ALA 18 18 18 ALA ALA A . n 
A 1 19 ARG 19 19 19 ARG ARG A . n 
A 1 20 GLY 20 20 20 GLY GLY A . n 
A 1 21 ALA 21 21 21 ALA ALA A . n 
A 1 22 GLN 22 22 22 GLN GLN A . n 
A 1 23 LYS 23 23 23 LYS LYS A . n 
A 1 24 LEU 24 24 24 LEU LEU A . n 
A 1 25 CYS 25 25 25 CYS CYS A . n 
A 1 26 ALA 26 26 26 ALA ALA A . n 
A 1 27 ASN 27 27 27 ASN ASN A . n 
A 1 28 VAL 28 28 28 VAL VAL A . n 
A 1 29 CYS 29 29 29 CYS CYS A . n 
A 1 30 ARG 30 30 30 ARG ARG A . n 
A 1 31 CYS 31 31 31 CYS CYS A . n 
A 1 32 LYS 32 32 32 LYS LYS A . n 
A 1 33 LEU 33 33 33 LEU LEU A . n 
A 1 34 THR 34 34 34 THR THR A . n 
A 1 35 SER 35 35 35 SER SER A . n 
A 1 36 GLY 36 36 36 GLY GLY A . n 
A 1 37 LEU 37 37 37 LEU LEU A . n 
A 1 38 SER 38 38 38 SER SER A . n 
A 1 39 CYS 39 39 39 CYS CYS A . n 
A 1 40 PRO 40 40 40 PRO PRO A . n 
A 1 41 LYS 41 41 41 LYS LYS A . n 
A 1 42 ASP 42 42 42 ASP ASP A . n 
A 1 43 PHE 43 43 43 PHE PHE A . n 
A 1 44 PRO 44 44 44 PRO PRO A . n 
A 1 45 LYS 45 45 45 LYS LYS A . n 
# 
loop_
_pdbx_nonpoly_scheme.asym_id 
_pdbx_nonpoly_scheme.entity_id 
_pdbx_nonpoly_scheme.mon_id 
_pdbx_nonpoly_scheme.ndb_seq_num 
_pdbx_nonpoly_scheme.pdb_seq_num 
_pdbx_nonpoly_scheme.auth_seq_num 
_pdbx_nonpoly_scheme.pdb_mon_id 
_pdbx_nonpoly_scheme.auth_mon_id 
_pdbx_nonpoly_scheme.pdb_strand_id 
_pdbx_nonpoly_scheme.pdb_ins_code 
B 2 PO4 1  50  50  PO4 PO4 A . 
C 3 ACT 1  52  52  ACT ACT A . 
D 3 ACT 1  53  53  ACT ACT A . 
E 4 GOL 1  54  54  GOL GOL A . 
F 4 GOL 1  55  55  GOL GOL A . 
G 5 HOH 1  60  60  HOH HOH A . 
G 5 HOH 2  61  61  HOH HOH A . 
G 5 HOH 3  62  62  HOH HOH A . 
G 5 HOH 4  63  63  HOH HOH A . 
G 5 HOH 5  64  64  HOH HOH A . 
G 5 HOH 6  65  65  HOH HOH A . 
G 5 HOH 7  66  66  HOH HOH A . 
G 5 HOH 8  67  67  HOH HOH A . 
G 5 HOH 9  68  68  HOH HOH A . 
G 5 HOH 10 69  69  HOH HOH A . 
G 5 HOH 11 70  70  HOH HOH A . 
G 5 HOH 12 71  71  HOH HOH A . 
G 5 HOH 13 72  72  HOH HOH A . 
G 5 HOH 14 73  73  HOH HOH A . 
G 5 HOH 15 74  74  HOH HOH A . 
G 5 HOH 16 75  75  HOH HOH A . 
G 5 HOH 17 76  76  HOH HOH A . 
G 5 HOH 18 77  77  HOH HOH A . 
G 5 HOH 19 78  78  HOH HOH A . 
G 5 HOH 20 79  79  HOH HOH A . 
G 5 HOH 21 80  80  HOH HOH A . 
G 5 HOH 22 81  81  HOH HOH A . 
G 5 HOH 23 82  82  HOH HOH A . 
G 5 HOH 24 83  83  HOH HOH A . 
G 5 HOH 25 84  84  HOH HOH A . 
G 5 HOH 26 85  85  HOH HOH A . 
G 5 HOH 27 86  86  HOH HOH A . 
G 5 HOH 28 87  87  HOH HOH A . 
G 5 HOH 29 88  88  HOH HOH A . 
G 5 HOH 30 89  89  HOH HOH A . 
G 5 HOH 31 90  90  HOH HOH A . 
G 5 HOH 32 91  91  HOH HOH A . 
G 5 HOH 33 92  92  HOH HOH A . 
G 5 HOH 34 93  93  HOH HOH A . 
G 5 HOH 35 94  94  HOH HOH A . 
G 5 HOH 36 95  95  HOH HOH A . 
G 5 HOH 37 96  96  HOH HOH A . 
G 5 HOH 38 97  97  HOH HOH A . 
G 5 HOH 39 98  98  HOH HOH A . 
G 5 HOH 40 99  99  HOH HOH A . 
G 5 HOH 41 100 100 HOH HOH A . 
G 5 HOH 42 101 101 HOH HOH A . 
G 5 HOH 43 102 102 HOH HOH A . 
G 5 HOH 44 103 103 HOH HOH A . 
G 5 HOH 45 104 104 HOH HOH A . 
G 5 HOH 46 105 105 HOH HOH A . 
G 5 HOH 47 106 106 HOH HOH A . 
G 5 HOH 48 107 107 HOH HOH A . 
G 5 HOH 49 108 108 HOH HOH A . 
G 5 HOH 50 109 109 HOH HOH A . 
G 5 HOH 51 110 110 HOH HOH A . 
G 5 HOH 52 111 111 HOH HOH A . 
G 5 HOH 53 112 112 HOH HOH A . 
G 5 HOH 54 113 113 HOH HOH A . 
G 5 HOH 55 114 114 HOH HOH A . 
G 5 HOH 56 115 115 HOH HOH A . 
G 5 HOH 57 116 116 HOH HOH A . 
G 5 HOH 58 117 117 HOH HOH A . 
G 5 HOH 59 118 118 HOH HOH A . 
G 5 HOH 60 119 119 HOH HOH A . 
G 5 HOH 61 120 120 HOH HOH A . 
G 5 HOH 62 121 121 HOH HOH A . 
G 5 HOH 63 122 122 HOH HOH A . 
G 5 HOH 64 123 123 HOH HOH A . 
G 5 HOH 65 124 124 HOH HOH A . 
G 5 HOH 66 125 125 HOH HOH A . 
G 5 HOH 67 126 126 HOH HOH A . 
G 5 HOH 68 127 127 HOH HOH A . 
G 5 HOH 69 128 128 HOH HOH A . 
G 5 HOH 70 129 129 HOH HOH A . 
G 5 HOH 71 130 130 HOH HOH A . 
G 5 HOH 72 131 131 HOH HOH A . 
G 5 HOH 73 132 132 HOH HOH A . 
G 5 HOH 74 133 133 HOH HOH A . 
G 5 HOH 75 134 134 HOH HOH A . 
G 5 HOH 76 135 135 HOH HOH A . 
G 5 HOH 77 136 136 HOH HOH A . 
# 
loop_
_software.name 
_software.classification 
_software.version 
_software.citation_id 
_software.pdbx_ordinal 
SDMS   'data collection' SOFTWARE ? 1 
PROLSQ refinement        .        ? 2 
SDMS   'data reduction'  .        ? 3 
# 
_cell.entry_id           1BHP 
_cell.length_a           53.940 
_cell.length_b           53.940 
_cell.length_c           72.750 
_cell.angle_alpha        90.00 
_cell.angle_beta         90.00 
_cell.angle_gamma        90.00 
_cell.Z_PDB              16 
_cell.pdbx_unique_axis   ? 
# 
_symmetry.entry_id                         1BHP 
_symmetry.space_group_name_H-M             'I 4 2 2' 
_symmetry.pdbx_full_space_group_name_H-M   ? 
_symmetry.cell_setting                     ? 
_symmetry.Int_Tables_number                97 
# 
_exptl.entry_id          1BHP 
_exptl.method            'X-RAY DIFFRACTION' 
_exptl.crystals_number   ? 
# 
_exptl_crystal.id                    1 
_exptl_crystal.density_meas          ? 
_exptl_crystal.density_Matthews      2.68 
_exptl_crystal.density_percent_sol   54.08 
_exptl_crystal.description           ? 
# 
_diffrn.id                     1 
_diffrn.ambient_temp           ? 
_diffrn.ambient_temp_details   ? 
_diffrn.crystal_id             1 
# 
_diffrn_detector.diffrn_id              1 
_diffrn_detector.detector               'AREA DETECTOR' 
_diffrn_detector.type                   'XUONG-HAMLIN MULTIWIRE' 
_diffrn_detector.pdbx_collection_date   1992 
_diffrn_detector.details                ? 
# 
_diffrn_radiation.diffrn_id                        1 
_diffrn_radiation.wavelength_id                    1 
_diffrn_radiation.pdbx_monochromatic_or_laue_m_l   M 
_diffrn_radiation.monochromator                    ? 
_diffrn_radiation.pdbx_diffrn_protocol             ? 
_diffrn_radiation.pdbx_scattering_type             x-ray 
# 
_diffrn_radiation_wavelength.id           1 
_diffrn_radiation_wavelength.wavelength   1.5418 
_diffrn_radiation_wavelength.wt           1.0 
# 
_diffrn_source.diffrn_id                   1 
_diffrn_source.source                      ? 
_diffrn_source.type                        ? 
_diffrn_source.pdbx_synchrotron_site       ? 
_diffrn_source.pdbx_synchrotron_beamline   ? 
_diffrn_source.pdbx_wavelength             1.5418 
_diffrn_source.pdbx_wavelength_list        ? 
# 
_reflns.entry_id                     1BHP 
_reflns.observed_criterion_sigma_I   0 
_reflns.observed_criterion_sigma_F   ? 
_reflns.d_resolution_low             ? 
_reflns.d_resolution_high            ? 
_reflns.number_obs                   5160 
_reflns.number_all                   ? 
_reflns.percent_possible_obs         87.1 
_reflns.pdbx_Rmerge_I_obs            0.096 
_reflns.pdbx_Rsym_value              ? 
_reflns.pdbx_netI_over_sigmaI        ? 
_reflns.B_iso_Wilson_estimate        ? 
_reflns.pdbx_redundancy              3.0 
_reflns.pdbx_ordinal                 1 
_reflns.pdbx_diffrn_id               1 
# 
_refine.entry_id                                 1BHP 
_refine.ls_number_reflns_obs                     4966 
_refine.ls_number_reflns_all                     ? 
_refine.pdbx_ls_sigma_I                          ? 
_refine.pdbx_ls_sigma_F                          2.5 
_refine.pdbx_data_cutoff_high_absF               ? 
_refine.pdbx_data_cutoff_low_absF                ? 
_refine.pdbx_data_cutoff_high_rms_absF           ? 
_refine.ls_d_res_low                             10.0 
_refine.ls_d_res_high                            1.7 
_refine.ls_percent_reflns_obs                    73.2 
_refine.ls_R_factor_obs                          0.198 
_refine.ls_R_factor_all                          ? 
_refine.ls_R_factor_R_work                       ? 
_refine.ls_R_factor_R_free                       0.281 
_refine.ls_R_factor_R_free_error                 ? 
_refine.ls_R_factor_R_free_error_details         ? 
_refine.ls_percent_reflns_R_free                 ? 
_refine.ls_number_reflns_R_free                  ? 
_refine.ls_number_parameters                     ? 
_refine.ls_number_restraints                     ? 
_refine.occupancy_min                            ? 
_refine.occupancy_max                            ? 
_refine.B_iso_mean                               ? 
_refine.aniso_B[1][1]                            ? 
_refine.aniso_B[2][2]                            ? 
_refine.aniso_B[3][3]                            ? 
_refine.aniso_B[1][2]                            ? 
_refine.aniso_B[1][3]                            ? 
_refine.aniso_B[2][3]                            ? 
_refine.solvent_model_details                    ? 
_refine.solvent_model_param_ksol                 ? 
_refine.solvent_model_param_bsol                 ? 
_refine.pdbx_ls_cross_valid_method               ? 
_refine.details                                  ? 
_refine.pdbx_starting_model                      ? 
_refine.pdbx_method_to_determine_struct          ? 
_refine.pdbx_isotropic_thermal_model             ? 
_refine.pdbx_stereochemistry_target_values       ? 
_refine.pdbx_stereochem_target_val_spec_case     ? 
_refine.pdbx_R_Free_selection_details            ? 
_refine.pdbx_overall_ESU_R                       ? 
_refine.pdbx_overall_ESU_R_Free                  ? 
_refine.overall_SU_ML                            ? 
_refine.overall_SU_B                             ? 
_refine.pdbx_refine_id                           'X-RAY DIFFRACTION' 
_refine.pdbx_diffrn_id                           1 
_refine.pdbx_TLS_residual_ADP_flag               ? 
_refine.correlation_coeff_Fo_to_Fc               ? 
_refine.correlation_coeff_Fo_to_Fc_free          ? 
_refine.pdbx_solvent_vdw_probe_radii             ? 
_refine.pdbx_solvent_ion_probe_radii             ? 
_refine.pdbx_solvent_shrinkage_radii             ? 
_refine.pdbx_overall_phase_error                 ? 
_refine.overall_SU_R_Cruickshank_DPI             ? 
_refine.pdbx_overall_SU_R_free_Cruickshank_DPI   ? 
_refine.pdbx_overall_SU_R_Blow_DPI               ? 
_refine.pdbx_overall_SU_R_free_Blow_DPI          ? 
# 
_refine_hist.pdbx_refine_id                   'X-RAY DIFFRACTION' 
_refine_hist.cycle_id                         LAST 
_refine_hist.pdbx_number_atoms_protein        337 
_refine_hist.pdbx_number_atoms_nucleic_acid   0 
_refine_hist.pdbx_number_atoms_ligand         25 
_refine_hist.number_atoms_solvent             77 
_refine_hist.number_atoms_total               439 
_refine_hist.d_res_high                       1.7 
_refine_hist.d_res_low                        10.0 
# 
loop_
_refine_ls_restr.type 
_refine_ls_restr.dev_ideal 
_refine_ls_restr.dev_ideal_target 
_refine_ls_restr.weight 
_refine_ls_restr.number 
_refine_ls_restr.pdbx_refine_id 
_refine_ls_restr.pdbx_restraint_function 
p_bond_d            0.017 0.020 ? ? 'X-RAY DIFFRACTION' ? 
p_angle_d           0.031 0.030 ? ? 'X-RAY DIFFRACTION' ? 
p_angle_deg         ?     ?     ? ? 'X-RAY DIFFRACTION' ? 
p_planar_d          0.04  0.040 ? ? 'X-RAY DIFFRACTION' ? 
p_hb_or_metal_coord ?     ?     ? ? 'X-RAY DIFFRACTION' ? 
p_mcbond_it         1.45  2.0   ? ? 'X-RAY DIFFRACTION' ? 
p_mcangle_it        1.77  2.5   ? ? 'X-RAY DIFFRACTION' ? 
p_scbond_it         1.56  3.0   ? ? 'X-RAY DIFFRACTION' ? 
p_scangle_it        2.04  3.0   ? ? 'X-RAY DIFFRACTION' ? 
p_plane_restr       0.008 0.015 ? ? 'X-RAY DIFFRACTION' ? 
p_chiral_restr      0.174 0.150 ? ? 'X-RAY DIFFRACTION' ? 
p_singtor_nbd       0.17  0.500 ? ? 'X-RAY DIFFRACTION' ? 
p_multtor_nbd       0.19  0.500 ? ? 'X-RAY DIFFRACTION' ? 
p_xhyhbond_nbd      0.21  0.500 ? ? 'X-RAY DIFFRACTION' ? 
p_xyhbond_nbd       ?     ?     ? ? 'X-RAY DIFFRACTION' ? 
p_planar_tor        2.0   5.0   ? ? 'X-RAY DIFFRACTION' ? 
p_staggered_tor     19.6  18.0  ? ? 'X-RAY DIFFRACTION' ? 
p_orthonormal_tor   1.8   20.0  ? ? 'X-RAY DIFFRACTION' ? 
p_transverse_tor    ?     ?     ? ? 'X-RAY DIFFRACTION' ? 
p_special_tor       ?     ?     ? ? 'X-RAY DIFFRACTION' ? 
# 
_struct.entry_id                  1BHP 
_struct.title                     'STRUCTURE OF BETA-PUROTHIONIN AT ROOM TEMPERATURE AND 1.7 ANGSTROMS RESOLUTION' 
_struct.pdbx_model_details        ? 
_struct.pdbx_CASP_flag            ? 
_struct.pdbx_model_type_details   ? 
# 
_struct_keywords.entry_id        1BHP 
_struct_keywords.pdbx_keywords   'PLANT TOXIN' 
_struct_keywords.text            'PLANT TOXIN, THIONINS' 
# 
loop_
_struct_asym.id 
_struct_asym.pdbx_blank_PDB_chainid_flag 
_struct_asym.pdbx_modified 
_struct_asym.entity_id 
_struct_asym.details 
A N N 1 ? 
B N N 2 ? 
C N N 3 ? 
D N N 3 ? 
E N N 4 ? 
F N N 4 ? 
G N N 5 ? 
# 
_struct_ref.id                         1 
_struct_ref.db_name                    UNP 
_struct_ref.db_code                    THNB_WHEAT 
_struct_ref.entity_id                  1 
_struct_ref.pdbx_db_accession          P01543 
_struct_ref.pdbx_align_begin           1 
_struct_ref.pdbx_seq_one_letter_code   
;MGSKGLKGVMVCLLILGLVLEQVQVEGKSCCKSTLGRNCYNLCRARGAQKLCANVCRCKLTSGLSCPKDFPKLVLESNSD
EPDTMEYCNLGCRSSLCDYIVNAAADDEEMKLYVEQCGDACVNFCNADAGLTSLDA
;
_struct_ref.pdbx_db_isoform            ? 
# 
_struct_ref_seq.align_id                      1 
_struct_ref_seq.ref_id                        1 
_struct_ref_seq.pdbx_PDB_id_code              1BHP 
_struct_ref_seq.pdbx_strand_id                A 
_struct_ref_seq.seq_align_beg                 1 
_struct_ref_seq.pdbx_seq_align_beg_ins_code   ? 
_struct_ref_seq.seq_align_end                 45 
_struct_ref_seq.pdbx_seq_align_end_ins_code   ? 
_struct_ref_seq.pdbx_db_accession             P01543 
_struct_ref_seq.db_align_beg                  28 
_struct_ref_seq.pdbx_db_align_beg_ins_code    ? 
_struct_ref_seq.db_align_end                  72 
_struct_ref_seq.pdbx_db_align_end_ins_code    ? 
_struct_ref_seq.pdbx_auth_seq_align_beg       1 
_struct_ref_seq.pdbx_auth_seq_align_end       45 
# 
_pdbx_struct_assembly.id                   1 
_pdbx_struct_assembly.details              author_defined_assembly 
_pdbx_struct_assembly.method_details       ? 
_pdbx_struct_assembly.oligomeric_details   tetrameric 
_pdbx_struct_assembly.oligomeric_count     4 
# 
_pdbx_struct_assembly_gen.assembly_id       1 
_pdbx_struct_assembly_gen.oper_expression   1,2,3,4 
_pdbx_struct_assembly_gen.asym_id_list      A,B,C,D,E,F,G 
# 
loop_
_pdbx_struct_oper_list.id 
_pdbx_struct_oper_list.type 
_pdbx_struct_oper_list.name 
_pdbx_struct_oper_list.symmetry_operation 
_pdbx_struct_oper_list.matrix[1][1] 
_pdbx_struct_oper_list.matrix[1][2] 
_pdbx_struct_oper_list.matrix[1][3] 
_pdbx_struct_oper_list.vector[1] 
_pdbx_struct_oper_list.matrix[2][1] 
_pdbx_struct_oper_list.matrix[2][2] 
_pdbx_struct_oper_list.matrix[2][3] 
_pdbx_struct_oper_list.vector[2] 
_pdbx_struct_oper_list.matrix[3][1] 
_pdbx_struct_oper_list.matrix[3][2] 
_pdbx_struct_oper_list.matrix[3][3] 
_pdbx_struct_oper_list.vector[3] 
1 'identity operation'         1_555 x,y,z   1.0000000000  0.0000000000 0.0000000000  0.0000000000   0.0000000000 1.0000000000 0.0000000000  0.0000000000 0.0000000000  0.0000000000  1.0000000000  0.0000000000   
2 'crystal symmetry operation' 4_555 y,-x,z  0.0777738779  0.2237002421 0.9715500119  1.5697710598   0.3113722830 0.9203045254 -0.2368266916 0.7996097330 -0.9471000609 0.3209326755  0.0019215967  -27.4856814171 
3 'crystal symmetry operation' 3_555 -y,x,z  0.0777738779  0.3113722830 -0.9471000609 -26.4027540339 0.2237002421 0.9203045254 0.3209326755  7.7340106518 0.9715500119  -0.2368266916 0.0019215967  -1.2829257697  
4 'crystal symmetry operation' 2_555 -x,-y,z -0.8444522442 0.5350725251 0.0244499510  -24.8329829741 0.5350725251 0.8406090508 0.0841059838  8.5336203848 0.0244499510  0.0841059838  -0.9961568066 -28.7686071868 
# 
_struct_biol.id   1 
# 
loop_
_struct_conf.conf_type_id 
_struct_conf.id 
_struct_conf.pdbx_PDB_helix_id 
_struct_conf.beg_label_comp_id 
_struct_conf.beg_label_asym_id 
_struct_conf.beg_label_seq_id 
_struct_conf.pdbx_beg_PDB_ins_code 
_struct_conf.end_label_comp_id 
_struct_conf.end_label_asym_id 
_struct_conf.end_label_seq_id 
_struct_conf.pdbx_end_PDB_ins_code 
_struct_conf.beg_auth_comp_id 
_struct_conf.beg_auth_asym_id 
_struct_conf.beg_auth_seq_id 
_struct_conf.end_auth_comp_id 
_struct_conf.end_auth_asym_id 
_struct_conf.end_auth_seq_id 
_struct_conf.pdbx_PDB_helix_class 
_struct_conf.details 
_struct_conf.pdbx_PDB_helix_length 
HELX_P HELX_P1 1 THR A 7  ? ALA A 18 ? THR A 7  ALA A 18 1 ? 12 
HELX_P HELX_P2 2 GLN A 22 ? VAL A 28 ? GLN A 22 VAL A 28 1 ? 7  
# 
_struct_conf_type.id          HELX_P 
_struct_conf_type.criteria    ? 
_struct_conf_type.reference   ? 
# 
loop_
_struct_conn.id 
_struct_conn.conn_type_id 
_struct_conn.pdbx_leaving_atom_flag 
_struct_conn.pdbx_PDB_id 
_struct_conn.ptnr1_label_asym_id 
_struct_conn.ptnr1_label_comp_id 
_struct_conn.ptnr1_label_seq_id 
_struct_conn.ptnr1_label_atom_id 
_struct_conn.pdbx_ptnr1_label_alt_id 
_struct_conn.pdbx_ptnr1_PDB_ins_code 
_struct_conn.pdbx_ptnr1_standard_comp_id 
_struct_conn.ptnr1_symmetry 
_struct_conn.ptnr2_label_asym_id 
_struct_conn.ptnr2_label_comp_id 
_struct_conn.ptnr2_label_seq_id 
_struct_conn.ptnr2_label_atom_id 
_struct_conn.pdbx_ptnr2_label_alt_id 
_struct_conn.pdbx_ptnr2_PDB_ins_code 
_struct_conn.ptnr1_auth_asym_id 
_struct_conn.ptnr1_auth_comp_id 
_struct_conn.ptnr1_auth_seq_id 
_struct_conn.ptnr2_auth_asym_id 
_struct_conn.ptnr2_auth_comp_id 
_struct_conn.ptnr2_auth_seq_id 
_struct_conn.ptnr2_symmetry 
_struct_conn.pdbx_ptnr3_label_atom_id 
_struct_conn.pdbx_ptnr3_label_seq_id 
_struct_conn.pdbx_ptnr3_label_comp_id 
_struct_conn.pdbx_ptnr3_label_asym_id 
_struct_conn.pdbx_ptnr3_label_alt_id 
_struct_conn.pdbx_ptnr3_PDB_ins_code 
_struct_conn.details 
_struct_conn.pdbx_dist_value 
_struct_conn.pdbx_value_order 
_struct_conn.pdbx_role 
disulf1 disulf ? ? A CYS 3  SG ? ? ? 1_555 A CYS 39 SG ? ? A CYS 3  A CYS 39 1_555 ? ? ? ? ? ? ? 1.937 ? ? 
disulf2 disulf ? ? A CYS 4  SG ? ? ? 1_555 A CYS 31 SG ? ? A CYS 4  A CYS 31 1_555 ? ? ? ? ? ? ? 2.001 ? ? 
disulf3 disulf ? ? A CYS 12 SG ? ? ? 1_555 A CYS 29 SG ? ? A CYS 12 A CYS 29 1_555 ? ? ? ? ? ? ? 2.011 ? ? 
disulf4 disulf ? ? A CYS 16 SG ? ? ? 1_555 A CYS 25 SG ? ? A CYS 16 A CYS 25 1_555 ? ? ? ? ? ? ? 2.015 ? ? 
# 
_struct_conn_type.id          disulf 
_struct_conn_type.criteria    ? 
_struct_conn_type.reference   ? 
# 
loop_
_pdbx_modification_feature.ordinal 
_pdbx_modification_feature.label_comp_id 
_pdbx_modification_feature.label_asym_id 
_pdbx_modification_feature.label_seq_id 
_pdbx_modification_feature.label_alt_id 
_pdbx_modification_feature.modified_residue_label_comp_id 
_pdbx_modification_feature.modified_residue_label_asym_id 
_pdbx_modification_feature.modified_residue_label_seq_id 
_pdbx_modification_feature.modified_residue_label_alt_id 
_pdbx_modification_feature.auth_comp_id 
_pdbx_modification_feature.auth_asym_id 
_pdbx_modification_feature.auth_seq_id 
_pdbx_modification_feature.PDB_ins_code 
_pdbx_modification_feature.symmetry 
_pdbx_modification_feature.modified_residue_auth_comp_id 
_pdbx_modification_feature.modified_residue_auth_asym_id 
_pdbx_modification_feature.modified_residue_auth_seq_id 
_pdbx_modification_feature.modified_residue_PDB_ins_code 
_pdbx_modification_feature.modified_residue_symmetry 
_pdbx_modification_feature.comp_id_linking_atom 
_pdbx_modification_feature.modified_residue_id_linking_atom 
_pdbx_modification_feature.modified_residue_id 
_pdbx_modification_feature.ref_pcm_id 
_pdbx_modification_feature.ref_comp_id 
_pdbx_modification_feature.type 
_pdbx_modification_feature.category 
1 CYS A 3  ? CYS A 39 ? CYS A 3  ? 1_555 CYS A 39 ? 1_555 SG SG . . . None 'Disulfide bridge' 
2 CYS A 4  ? CYS A 31 ? CYS A 4  ? 1_555 CYS A 31 ? 1_555 SG SG . . . None 'Disulfide bridge' 
3 CYS A 12 ? CYS A 29 ? CYS A 12 ? 1_555 CYS A 29 ? 1_555 SG SG . . . None 'Disulfide bridge' 
4 CYS A 16 ? CYS A 25 ? CYS A 16 ? 1_555 CYS A 25 ? 1_555 SG SG . . . None 'Disulfide bridge' 
# 
_struct_sheet.id               A 
_struct_sheet.type             ? 
_struct_sheet.number_strands   2 
_struct_sheet.details          ? 
# 
_struct_sheet_order.sheet_id     A 
_struct_sheet_order.range_id_1   1 
_struct_sheet_order.range_id_2   2 
_struct_sheet_order.offset       ? 
_struct_sheet_order.sense        anti-parallel 
# 
loop_
_struct_sheet_range.sheet_id 
_struct_sheet_range.id 
_struct_sheet_range.beg_label_comp_id 
_struct_sheet_range.beg_label_asym_id 
_struct_sheet_range.beg_label_seq_id 
_struct_sheet_range.pdbx_beg_PDB_ins_code 
_struct_sheet_range.end_label_comp_id 
_struct_sheet_range.end_label_asym_id 
_struct_sheet_range.end_label_seq_id 
_struct_sheet_range.pdbx_end_PDB_ins_code 
_struct_sheet_range.beg_auth_comp_id 
_struct_sheet_range.beg_auth_asym_id 
_struct_sheet_range.beg_auth_seq_id 
_struct_sheet_range.end_auth_comp_id 
_struct_sheet_range.end_auth_asym_id 
_struct_sheet_range.end_auth_seq_id 
A 1 SER A 2  ? CYS A 4  ? SER A 2  CYS A 4  
A 2 CYS A 31 ? LEU A 33 ? CYS A 31 LEU A 33 
# 
_pdbx_struct_sheet_hbond.sheet_id                A 
_pdbx_struct_sheet_hbond.range_id_1              1 
_pdbx_struct_sheet_hbond.range_id_2              2 
_pdbx_struct_sheet_hbond.range_1_label_atom_id   O 
_pdbx_struct_sheet_hbond.range_1_label_comp_id   CYS 
_pdbx_struct_sheet_hbond.range_1_label_asym_id   A 
_pdbx_struct_sheet_hbond.range_1_label_seq_id    3 
_pdbx_struct_sheet_hbond.range_1_PDB_ins_code    ? 
_pdbx_struct_sheet_hbond.range_1_auth_atom_id    O 
_pdbx_struct_sheet_hbond.range_1_auth_comp_id    CYS 
_pdbx_struct_sheet_hbond.range_1_auth_asym_id    A 
_pdbx_struct_sheet_hbond.range_1_auth_seq_id     3 
_pdbx_struct_sheet_hbond.range_2_label_atom_id   N 
_pdbx_struct_sheet_hbond.range_2_label_comp_id   LYS 
_pdbx_struct_sheet_hbond.range_2_label_asym_id   A 
_pdbx_struct_sheet_hbond.range_2_label_seq_id    32 
_pdbx_struct_sheet_hbond.range_2_PDB_ins_code    ? 
_pdbx_struct_sheet_hbond.range_2_auth_atom_id    N 
_pdbx_struct_sheet_hbond.range_2_auth_comp_id    LYS 
_pdbx_struct_sheet_hbond.range_2_auth_asym_id    A 
_pdbx_struct_sheet_hbond.range_2_auth_seq_id     32 
# 
loop_
_struct_site.id 
_struct_site.pdbx_evidence_code 
_struct_site.pdbx_auth_asym_id 
_struct_site.pdbx_auth_comp_id 
_struct_site.pdbx_auth_seq_id 
_struct_site.pdbx_auth_ins_code 
_struct_site.pdbx_num_residues 
_struct_site.details 
PBS Author   ? ?   ?  ? 3 'PHOSPHATE BINDING SITE'            
GBS Author   ? ?   ?  ? 3 'GLYCEROL BINDING SITE'             
AC1 Software A PO4 50 ? 1 'BINDING SITE FOR RESIDUE PO4 A 50' 
AC2 Software A ACT 52 ? 8 'BINDING SITE FOR RESIDUE ACT A 52' 
AC3 Software A ACT 53 ? 3 'BINDING SITE FOR RESIDUE ACT A 53' 
AC4 Software A GOL 54 ? 8 'BINDING SITE FOR RESIDUE GOL A 54' 
AC5 Software A GOL 55 ? 4 'BINDING SITE FOR RESIDUE GOL A 55' 
# 
loop_
_struct_site_gen.id 
_struct_site_gen.site_id 
_struct_site_gen.pdbx_num_res 
_struct_site_gen.label_comp_id 
_struct_site_gen.label_asym_id 
_struct_site_gen.label_seq_id 
_struct_site_gen.pdbx_auth_ins_code 
_struct_site_gen.auth_comp_id 
_struct_site_gen.auth_asym_id 
_struct_site_gen.auth_seq_id 
_struct_site_gen.label_atom_id 
_struct_site_gen.label_alt_id 
_struct_site_gen.symmetry 
_struct_site_gen.details 
1  PBS 3 LYS A 1  ? LYS A 1   . ? 1_555  ? 
2  PBS 3 ARG A 10 ? ARG A 10  . ? 1_555  ? 
3  PBS 3 LYS A 45 ? LYS A 45  . ? 1_555  ? 
4  GBS 3 TYR A 13 ? TYR A 13  . ? 1_555  ? 
5  GBS 3 ARG A 10 ? ARG A 10  . ? 1_555  ? 
6  GBS 3 GLN A 22 ? GLN A 22  . ? 1_555  ? 
7  AC1 1 HOH G .  ? HOH A 61  . ? 16_555 ? 
8  AC2 8 ASN A 11 ? ASN A 11  . ? 16_555 ? 
9  AC2 8 ASN A 11 ? ASN A 11  . ? 2_655  ? 
10 AC2 8 ASN A 11 ? ASN A 11  . ? 15_545 ? 
11 AC2 8 ASN A 11 ? ASN A 11  . ? 1_555  ? 
12 AC2 8 LEU A 15 ? LEU A 15  . ? 2_655  ? 
13 AC2 8 LEU A 15 ? LEU A 15  . ? 15_545 ? 
14 AC2 8 LEU A 15 ? LEU A 15  . ? 16_555 ? 
15 AC2 8 LEU A 15 ? LEU A 15  . ? 1_555  ? 
16 AC3 3 LYS A 5  ? LYS A 5   . ? 1_555  ? 
17 AC3 3 ARG A 30 ? ARG A 30  . ? 5_656  ? 
18 AC3 3 HOH G .  ? HOH A 82  . ? 1_555  ? 
19 AC4 8 SER A 2  ? SER A 2   . ? 1_555  ? 
20 AC4 8 TYR A 13 ? TYR A 13  . ? 1_555  ? 
21 AC4 8 ARG A 17 ? ARG A 17  . ? 1_555  ? 
22 AC4 8 GLN A 22 ? GLN A 22  . ? 1_555  ? 
23 AC4 8 LYS A 45 ? LYS A 45  . ? 16_555 ? 
24 AC4 8 HOH G .  ? HOH A 72  . ? 1_555  ? 
25 AC4 8 HOH G .  ? HOH A 89  . ? 1_555  ? 
26 AC4 8 HOH G .  ? HOH A 102 . ? 1_555  ? 
27 AC5 4 THR A 7  ? THR A 7   . ? 1_555  ? 
28 AC5 4 LEU A 8  ? LEU A 8   . ? 1_555  ? 
29 AC5 4 ASN A 14 ? ASN A 14  . ? 16_555 ? 
30 AC5 4 HOH G .  ? HOH A 97  . ? 16_555 ? 
# 
_pdbx_entry_details.entry_id                   1BHP 
_pdbx_entry_details.compound_details           ? 
_pdbx_entry_details.source_details             ? 
_pdbx_entry_details.nonpolymer_details         ? 
_pdbx_entry_details.sequence_details           ? 
_pdbx_entry_details.has_ligand_of_interest     ? 
_pdbx_entry_details.has_protein_modification   Y 
# 
loop_
_pdbx_validate_rmsd_angle.id 
_pdbx_validate_rmsd_angle.PDB_model_num 
_pdbx_validate_rmsd_angle.auth_atom_id_1 
_pdbx_validate_rmsd_angle.auth_asym_id_1 
_pdbx_validate_rmsd_angle.auth_comp_id_1 
_pdbx_validate_rmsd_angle.auth_seq_id_1 
_pdbx_validate_rmsd_angle.PDB_ins_code_1 
_pdbx_validate_rmsd_angle.label_alt_id_1 
_pdbx_validate_rmsd_angle.auth_atom_id_2 
_pdbx_validate_rmsd_angle.auth_asym_id_2 
_pdbx_validate_rmsd_angle.auth_comp_id_2 
_pdbx_validate_rmsd_angle.auth_seq_id_2 
_pdbx_validate_rmsd_angle.PDB_ins_code_2 
_pdbx_validate_rmsd_angle.label_alt_id_2 
_pdbx_validate_rmsd_angle.auth_atom_id_3 
_pdbx_validate_rmsd_angle.auth_asym_id_3 
_pdbx_validate_rmsd_angle.auth_comp_id_3 
_pdbx_validate_rmsd_angle.auth_seq_id_3 
_pdbx_validate_rmsd_angle.PDB_ins_code_3 
_pdbx_validate_rmsd_angle.label_alt_id_3 
_pdbx_validate_rmsd_angle.angle_value 
_pdbx_validate_rmsd_angle.angle_target_value 
_pdbx_validate_rmsd_angle.angle_deviation 
_pdbx_validate_rmsd_angle.angle_standard_deviation 
_pdbx_validate_rmsd_angle.linker_flag 
1 1 CB A TYR 13 ? ? CG A TYR 13 ? ? CD2 A TYR 13 ? ? 117.16 121.00 -3.84 0.60 N 
2 1 NE A ARG 17 ? ? CZ A ARG 17 ? ? NH2 A ARG 17 ? ? 115.83 120.30 -4.47 0.50 N 
3 1 CD A ARG 30 ? ? NE A ARG 30 ? ? CZ  A ARG 30 ? ? 134.57 123.60 10.97 1.40 N 
4 1 NE A ARG 30 ? ? CZ A ARG 30 ? ? NH1 A ARG 30 ? ? 123.83 120.30 3.53  0.50 N 
5 1 CB A ASP 42 ? ? CG A ASP 42 ? ? OD1 A ASP 42 ? ? 125.29 118.30 6.99  0.90 N 
# 
loop_
_pdbx_struct_special_symmetry.id 
_pdbx_struct_special_symmetry.PDB_model_num 
_pdbx_struct_special_symmetry.auth_asym_id 
_pdbx_struct_special_symmetry.auth_comp_id 
_pdbx_struct_special_symmetry.auth_seq_id 
_pdbx_struct_special_symmetry.PDB_ins_code 
_pdbx_struct_special_symmetry.label_asym_id 
_pdbx_struct_special_symmetry.label_comp_id 
_pdbx_struct_special_symmetry.label_seq_id 
1 1 A PO4 50 ? B PO4 . 
2 1 A ACT 52 ? C ACT . 
3 1 A ACT 52 ? C ACT . 
4 1 A HOH 67 ? G HOH . 
5 1 A HOH 90 ? G HOH . 
# 
loop_
_chem_comp_atom.comp_id 
_chem_comp_atom.atom_id 
_chem_comp_atom.type_symbol 
_chem_comp_atom.pdbx_aromatic_flag 
_chem_comp_atom.pdbx_stereo_config 
_chem_comp_atom.pdbx_ordinal 
ACT C    C N N 1   
ACT O    O N N 2   
ACT OXT  O N N 3   
ACT CH3  C N N 4   
ACT H1   H N N 5   
ACT H2   H N N 6   
ACT H3   H N N 7   
ALA N    N N N 8   
ALA CA   C N S 9   
ALA C    C N N 10  
ALA O    O N N 11  
ALA CB   C N N 12  
ALA OXT  O N N 13  
ALA H    H N N 14  
ALA H2   H N N 15  
ALA HA   H N N 16  
ALA HB1  H N N 17  
ALA HB2  H N N 18  
ALA HB3  H N N 19  
ALA HXT  H N N 20  
ARG N    N N N 21  
ARG CA   C N S 22  
ARG C    C N N 23  
ARG O    O N N 24  
ARG CB   C N N 25  
ARG CG   C N N 26  
ARG CD   C N N 27  
ARG NE   N N N 28  
ARG CZ   C N N 29  
ARG NH1  N N N 30  
ARG NH2  N N N 31  
ARG OXT  O N N 32  
ARG H    H N N 33  
ARG H2   H N N 34  
ARG HA   H N N 35  
ARG HB2  H N N 36  
ARG HB3  H N N 37  
ARG HG2  H N N 38  
ARG HG3  H N N 39  
ARG HD2  H N N 40  
ARG HD3  H N N 41  
ARG HE   H N N 42  
ARG HH11 H N N 43  
ARG HH12 H N N 44  
ARG HH21 H N N 45  
ARG HH22 H N N 46  
ARG HXT  H N N 47  
ASN N    N N N 48  
ASN CA   C N S 49  
ASN C    C N N 50  
ASN O    O N N 51  
ASN CB   C N N 52  
ASN CG   C N N 53  
ASN OD1  O N N 54  
ASN ND2  N N N 55  
ASN OXT  O N N 56  
ASN H    H N N 57  
ASN H2   H N N 58  
ASN HA   H N N 59  
ASN HB2  H N N 60  
ASN HB3  H N N 61  
ASN HD21 H N N 62  
ASN HD22 H N N 63  
ASN HXT  H N N 64  
ASP N    N N N 65  
ASP CA   C N S 66  
ASP C    C N N 67  
ASP O    O N N 68  
ASP CB   C N N 69  
ASP CG   C N N 70  
ASP OD1  O N N 71  
ASP OD2  O N N 72  
ASP OXT  O N N 73  
ASP H    H N N 74  
ASP H2   H N N 75  
ASP HA   H N N 76  
ASP HB2  H N N 77  
ASP HB3  H N N 78  
ASP HD2  H N N 79  
ASP HXT  H N N 80  
CYS N    N N N 81  
CYS CA   C N R 82  
CYS C    C N N 83  
CYS O    O N N 84  
CYS CB   C N N 85  
CYS SG   S N N 86  
CYS OXT  O N N 87  
CYS H    H N N 88  
CYS H2   H N N 89  
CYS HA   H N N 90  
CYS HB2  H N N 91  
CYS HB3  H N N 92  
CYS HG   H N N 93  
CYS HXT  H N N 94  
GLN N    N N N 95  
GLN CA   C N S 96  
GLN C    C N N 97  
GLN O    O N N 98  
GLN CB   C N N 99  
GLN CG   C N N 100 
GLN CD   C N N 101 
GLN OE1  O N N 102 
GLN NE2  N N N 103 
GLN OXT  O N N 104 
GLN H    H N N 105 
GLN H2   H N N 106 
GLN HA   H N N 107 
GLN HB2  H N N 108 
GLN HB3  H N N 109 
GLN HG2  H N N 110 
GLN HG3  H N N 111 
GLN HE21 H N N 112 
GLN HE22 H N N 113 
GLN HXT  H N N 114 
GLY N    N N N 115 
GLY CA   C N N 116 
GLY C    C N N 117 
GLY O    O N N 118 
GLY OXT  O N N 119 
GLY H    H N N 120 
GLY H2   H N N 121 
GLY HA2  H N N 122 
GLY HA3  H N N 123 
GLY HXT  H N N 124 
GOL C1   C N N 125 
GOL O1   O N N 126 
GOL C2   C N N 127 
GOL O2   O N N 128 
GOL C3   C N N 129 
GOL O3   O N N 130 
GOL H11  H N N 131 
GOL H12  H N N 132 
GOL HO1  H N N 133 
GOL H2   H N N 134 
GOL HO2  H N N 135 
GOL H31  H N N 136 
GOL H32  H N N 137 
GOL HO3  H N N 138 
HOH O    O N N 139 
HOH H1   H N N 140 
HOH H2   H N N 141 
LEU N    N N N 142 
LEU CA   C N S 143 
LEU C    C N N 144 
LEU O    O N N 145 
LEU CB   C N N 146 
LEU CG   C N N 147 
LEU CD1  C N N 148 
LEU CD2  C N N 149 
LEU OXT  O N N 150 
LEU H    H N N 151 
LEU H2   H N N 152 
LEU HA   H N N 153 
LEU HB2  H N N 154 
LEU HB3  H N N 155 
LEU HG   H N N 156 
LEU HD11 H N N 157 
LEU HD12 H N N 158 
LEU HD13 H N N 159 
LEU HD21 H N N 160 
LEU HD22 H N N 161 
LEU HD23 H N N 162 
LEU HXT  H N N 163 
LYS N    N N N 164 
LYS CA   C N S 165 
LYS C    C N N 166 
LYS O    O N N 167 
LYS CB   C N N 168 
LYS CG   C N N 169 
LYS CD   C N N 170 
LYS CE   C N N 171 
LYS NZ   N N N 172 
LYS OXT  O N N 173 
LYS H    H N N 174 
LYS H2   H N N 175 
LYS HA   H N N 176 
LYS HB2  H N N 177 
LYS HB3  H N N 178 
LYS HG2  H N N 179 
LYS HG3  H N N 180 
LYS HD2  H N N 181 
LYS HD3  H N N 182 
LYS HE2  H N N 183 
LYS HE3  H N N 184 
LYS HZ1  H N N 185 
LYS HZ2  H N N 186 
LYS HZ3  H N N 187 
LYS HXT  H N N 188 
PHE N    N N N 189 
PHE CA   C N S 190 
PHE C    C N N 191 
PHE O    O N N 192 
PHE CB   C N N 193 
PHE CG   C Y N 194 
PHE CD1  C Y N 195 
PHE CD2  C Y N 196 
PHE CE1  C Y N 197 
PHE CE2  C Y N 198 
PHE CZ   C Y N 199 
PHE OXT  O N N 200 
PHE H    H N N 201 
PHE H2   H N N 202 
PHE HA   H N N 203 
PHE HB2  H N N 204 
PHE HB3  H N N 205 
PHE HD1  H N N 206 
PHE HD2  H N N 207 
PHE HE1  H N N 208 
PHE HE2  H N N 209 
PHE HZ   H N N 210 
PHE HXT  H N N 211 
PO4 P    P N N 212 
PO4 O1   O N N 213 
PO4 O2   O N N 214 
PO4 O3   O N N 215 
PO4 O4   O N N 216 
PRO N    N N N 217 
PRO CA   C N S 218 
PRO C    C N N 219 
PRO O    O N N 220 
PRO CB   C N N 221 
PRO CG   C N N 222 
PRO CD   C N N 223 
PRO OXT  O N N 224 
PRO H    H N N 225 
PRO HA   H N N 226 
PRO HB2  H N N 227 
PRO HB3  H N N 228 
PRO HG2  H N N 229 
PRO HG3  H N N 230 
PRO HD2  H N N 231 
PRO HD3  H N N 232 
PRO HXT  H N N 233 
SER N    N N N 234 
SER CA   C N S 235 
SER C    C N N 236 
SER O    O N N 237 
SER CB   C N N 238 
SER OG   O N N 239 
SER OXT  O N N 240 
SER H    H N N 241 
SER H2   H N N 242 
SER HA   H N N 243 
SER HB2  H N N 244 
SER HB3  H N N 245 
SER HG   H N N 246 
SER HXT  H N N 247 
THR N    N N N 248 
THR CA   C N S 249 
THR C    C N N 250 
THR O    O N N 251 
THR CB   C N R 252 
THR OG1  O N N 253 
THR CG2  C N N 254 
THR OXT  O N N 255 
THR H    H N N 256 
THR H2   H N N 257 
THR HA   H N N 258 
THR HB   H N N 259 
THR HG1  H N N 260 
THR HG21 H N N 261 
THR HG22 H N N 262 
THR HG23 H N N 263 
THR HXT  H N N 264 
TYR N    N N N 265 
TYR CA   C N S 266 
TYR C    C N N 267 
TYR O    O N N 268 
TYR CB   C N N 269 
TYR CG   C Y N 270 
TYR CD1  C Y N 271 
TYR CD2  C Y N 272 
TYR CE1  C Y N 273 
TYR CE2  C Y N 274 
TYR CZ   C Y N 275 
TYR OH   O N N 276 
TYR OXT  O N N 277 
TYR H    H N N 278 
TYR H2   H N N 279 
TYR HA   H N N 280 
TYR HB2  H N N 281 
TYR HB3  H N N 282 
TYR HD1  H N N 283 
TYR HD2  H N N 284 
TYR HE1  H N N 285 
TYR HE2  H N N 286 
TYR HH   H N N 287 
TYR HXT  H N N 288 
VAL N    N N N 289 
VAL CA   C N S 290 
VAL C    C N N 291 
VAL O    O N N 292 
VAL CB   C N N 293 
VAL CG1  C N N 294 
VAL CG2  C N N 295 
VAL OXT  O N N 296 
VAL H    H N N 297 
VAL H2   H N N 298 
VAL HA   H N N 299 
VAL HB   H N N 300 
VAL HG11 H N N 301 
VAL HG12 H N N 302 
VAL HG13 H N N 303 
VAL HG21 H N N 304 
VAL HG22 H N N 305 
VAL HG23 H N N 306 
VAL HXT  H N N 307 
# 
loop_
_chem_comp_bond.comp_id 
_chem_comp_bond.atom_id_1 
_chem_comp_bond.atom_id_2 
_chem_comp_bond.value_order 
_chem_comp_bond.pdbx_aromatic_flag 
_chem_comp_bond.pdbx_stereo_config 
_chem_comp_bond.pdbx_ordinal 
ACT C   O    doub N N 1   
ACT C   OXT  sing N N 2   
ACT C   CH3  sing N N 3   
ACT CH3 H1   sing N N 4   
ACT CH3 H2   sing N N 5   
ACT CH3 H3   sing N N 6   
ALA N   CA   sing N N 7   
ALA N   H    sing N N 8   
ALA N   H2   sing N N 9   
ALA CA  C    sing N N 10  
ALA CA  CB   sing N N 11  
ALA CA  HA   sing N N 12  
ALA C   O    doub N N 13  
ALA C   OXT  sing N N 14  
ALA CB  HB1  sing N N 15  
ALA CB  HB2  sing N N 16  
ALA CB  HB3  sing N N 17  
ALA OXT HXT  sing N N 18  
ARG N   CA   sing N N 19  
ARG N   H    sing N N 20  
ARG N   H2   sing N N 21  
ARG CA  C    sing N N 22  
ARG CA  CB   sing N N 23  
ARG CA  HA   sing N N 24  
ARG C   O    doub N N 25  
ARG C   OXT  sing N N 26  
ARG CB  CG   sing N N 27  
ARG CB  HB2  sing N N 28  
ARG CB  HB3  sing N N 29  
ARG CG  CD   sing N N 30  
ARG CG  HG2  sing N N 31  
ARG CG  HG3  sing N N 32  
ARG CD  NE   sing N N 33  
ARG CD  HD2  sing N N 34  
ARG CD  HD3  sing N N 35  
ARG NE  CZ   sing N N 36  
ARG NE  HE   sing N N 37  
ARG CZ  NH1  sing N N 38  
ARG CZ  NH2  doub N N 39  
ARG NH1 HH11 sing N N 40  
ARG NH1 HH12 sing N N 41  
ARG NH2 HH21 sing N N 42  
ARG NH2 HH22 sing N N 43  
ARG OXT HXT  sing N N 44  
ASN N   CA   sing N N 45  
ASN N   H    sing N N 46  
ASN N   H2   sing N N 47  
ASN CA  C    sing N N 48  
ASN CA  CB   sing N N 49  
ASN CA  HA   sing N N 50  
ASN C   O    doub N N 51  
ASN C   OXT  sing N N 52  
ASN CB  CG   sing N N 53  
ASN CB  HB2  sing N N 54  
ASN CB  HB3  sing N N 55  
ASN CG  OD1  doub N N 56  
ASN CG  ND2  sing N N 57  
ASN ND2 HD21 sing N N 58  
ASN ND2 HD22 sing N N 59  
ASN OXT HXT  sing N N 60  
ASP N   CA   sing N N 61  
ASP N   H    sing N N 62  
ASP N   H2   sing N N 63  
ASP CA  C    sing N N 64  
ASP CA  CB   sing N N 65  
ASP CA  HA   sing N N 66  
ASP C   O    doub N N 67  
ASP C   OXT  sing N N 68  
ASP CB  CG   sing N N 69  
ASP CB  HB2  sing N N 70  
ASP CB  HB3  sing N N 71  
ASP CG  OD1  doub N N 72  
ASP CG  OD2  sing N N 73  
ASP OD2 HD2  sing N N 74  
ASP OXT HXT  sing N N 75  
CYS N   CA   sing N N 76  
CYS N   H    sing N N 77  
CYS N   H2   sing N N 78  
CYS CA  C    sing N N 79  
CYS CA  CB   sing N N 80  
CYS CA  HA   sing N N 81  
CYS C   O    doub N N 82  
CYS C   OXT  sing N N 83  
CYS CB  SG   sing N N 84  
CYS CB  HB2  sing N N 85  
CYS CB  HB3  sing N N 86  
CYS SG  HG   sing N N 87  
CYS OXT HXT  sing N N 88  
GLN N   CA   sing N N 89  
GLN N   H    sing N N 90  
GLN N   H2   sing N N 91  
GLN CA  C    sing N N 92  
GLN CA  CB   sing N N 93  
GLN CA  HA   sing N N 94  
GLN C   O    doub N N 95  
GLN C   OXT  sing N N 96  
GLN CB  CG   sing N N 97  
GLN CB  HB2  sing N N 98  
GLN CB  HB3  sing N N 99  
GLN CG  CD   sing N N 100 
GLN CG  HG2  sing N N 101 
GLN CG  HG3  sing N N 102 
GLN CD  OE1  doub N N 103 
GLN CD  NE2  sing N N 104 
GLN NE2 HE21 sing N N 105 
GLN NE2 HE22 sing N N 106 
GLN OXT HXT  sing N N 107 
GLY N   CA   sing N N 108 
GLY N   H    sing N N 109 
GLY N   H2   sing N N 110 
GLY CA  C    sing N N 111 
GLY CA  HA2  sing N N 112 
GLY CA  HA3  sing N N 113 
GLY C   O    doub N N 114 
GLY C   OXT  sing N N 115 
GLY OXT HXT  sing N N 116 
GOL C1  O1   sing N N 117 
GOL C1  C2   sing N N 118 
GOL C1  H11  sing N N 119 
GOL C1  H12  sing N N 120 
GOL O1  HO1  sing N N 121 
GOL C2  O2   sing N N 122 
GOL C2  C3   sing N N 123 
GOL C2  H2   sing N N 124 
GOL O2  HO2  sing N N 125 
GOL C3  O3   sing N N 126 
GOL C3  H31  sing N N 127 
GOL C3  H32  sing N N 128 
GOL O3  HO3  sing N N 129 
HOH O   H1   sing N N 130 
HOH O   H2   sing N N 131 
LEU N   CA   sing N N 132 
LEU N   H    sing N N 133 
LEU N   H2   sing N N 134 
LEU CA  C    sing N N 135 
LEU CA  CB   sing N N 136 
LEU CA  HA   sing N N 137 
LEU C   O    doub N N 138 
LEU C   OXT  sing N N 139 
LEU CB  CG   sing N N 140 
LEU CB  HB2  sing N N 141 
LEU CB  HB3  sing N N 142 
LEU CG  CD1  sing N N 143 
LEU CG  CD2  sing N N 144 
LEU CG  HG   sing N N 145 
LEU CD1 HD11 sing N N 146 
LEU CD1 HD12 sing N N 147 
LEU CD1 HD13 sing N N 148 
LEU CD2 HD21 sing N N 149 
LEU CD2 HD22 sing N N 150 
LEU CD2 HD23 sing N N 151 
LEU OXT HXT  sing N N 152 
LYS N   CA   sing N N 153 
LYS N   H    sing N N 154 
LYS N   H2   sing N N 155 
LYS CA  C    sing N N 156 
LYS CA  CB   sing N N 157 
LYS CA  HA   sing N N 158 
LYS C   O    doub N N 159 
LYS C   OXT  sing N N 160 
LYS CB  CG   sing N N 161 
LYS CB  HB2  sing N N 162 
LYS CB  HB3  sing N N 163 
LYS CG  CD   sing N N 164 
LYS CG  HG2  sing N N 165 
LYS CG  HG3  sing N N 166 
LYS CD  CE   sing N N 167 
LYS CD  HD2  sing N N 168 
LYS CD  HD3  sing N N 169 
LYS CE  NZ   sing N N 170 
LYS CE  HE2  sing N N 171 
LYS CE  HE3  sing N N 172 
LYS NZ  HZ1  sing N N 173 
LYS NZ  HZ2  sing N N 174 
LYS NZ  HZ3  sing N N 175 
LYS OXT HXT  sing N N 176 
PHE N   CA   sing N N 177 
PHE N   H    sing N N 178 
PHE N   H2   sing N N 179 
PHE CA  C    sing N N 180 
PHE CA  CB   sing N N 181 
PHE CA  HA   sing N N 182 
PHE C   O    doub N N 183 
PHE C   OXT  sing N N 184 
PHE CB  CG   sing N N 185 
PHE CB  HB2  sing N N 186 
PHE CB  HB3  sing N N 187 
PHE CG  CD1  doub Y N 188 
PHE CG  CD2  sing Y N 189 
PHE CD1 CE1  sing Y N 190 
PHE CD1 HD1  sing N N 191 
PHE CD2 CE2  doub Y N 192 
PHE CD2 HD2  sing N N 193 
PHE CE1 CZ   doub Y N 194 
PHE CE1 HE1  sing N N 195 
PHE CE2 CZ   sing Y N 196 
PHE CE2 HE2  sing N N 197 
PHE CZ  HZ   sing N N 198 
PHE OXT HXT  sing N N 199 
PO4 P   O1   doub N N 200 
PO4 P   O2   sing N N 201 
PO4 P   O3   sing N N 202 
PO4 P   O4   sing N N 203 
PRO N   CA   sing N N 204 
PRO N   CD   sing N N 205 
PRO N   H    sing N N 206 
PRO CA  C    sing N N 207 
PRO CA  CB   sing N N 208 
PRO CA  HA   sing N N 209 
PRO C   O    doub N N 210 
PRO C   OXT  sing N N 211 
PRO CB  CG   sing N N 212 
PRO CB  HB2  sing N N 213 
PRO CB  HB3  sing N N 214 
PRO CG  CD   sing N N 215 
PRO CG  HG2  sing N N 216 
PRO CG  HG3  sing N N 217 
PRO CD  HD2  sing N N 218 
PRO CD  HD3  sing N N 219 
PRO OXT HXT  sing N N 220 
SER N   CA   sing N N 221 
SER N   H    sing N N 222 
SER N   H2   sing N N 223 
SER CA  C    sing N N 224 
SER CA  CB   sing N N 225 
SER CA  HA   sing N N 226 
SER C   O    doub N N 227 
SER C   OXT  sing N N 228 
SER CB  OG   sing N N 229 
SER CB  HB2  sing N N 230 
SER CB  HB3  sing N N 231 
SER OG  HG   sing N N 232 
SER OXT HXT  sing N N 233 
THR N   CA   sing N N 234 
THR N   H    sing N N 235 
THR N   H2   sing N N 236 
THR CA  C    sing N N 237 
THR CA  CB   sing N N 238 
THR CA  HA   sing N N 239 
THR C   O    doub N N 240 
THR C   OXT  sing N N 241 
THR CB  OG1  sing N N 242 
THR CB  CG2  sing N N 243 
THR CB  HB   sing N N 244 
THR OG1 HG1  sing N N 245 
THR CG2 HG21 sing N N 246 
THR CG2 HG22 sing N N 247 
THR CG2 HG23 sing N N 248 
THR OXT HXT  sing N N 249 
TYR N   CA   sing N N 250 
TYR N   H    sing N N 251 
TYR N   H2   sing N N 252 
TYR CA  C    sing N N 253 
TYR CA  CB   sing N N 254 
TYR CA  HA   sing N N 255 
TYR C   O    doub N N 256 
TYR C   OXT  sing N N 257 
TYR CB  CG   sing N N 258 
TYR CB  HB2  sing N N 259 
TYR CB  HB3  sing N N 260 
TYR CG  CD1  doub Y N 261 
TYR CG  CD2  sing Y N 262 
TYR CD1 CE1  sing Y N 263 
TYR CD1 HD1  sing N N 264 
TYR CD2 CE2  doub Y N 265 
TYR CD2 HD2  sing N N 266 
TYR CE1 CZ   doub Y N 267 
TYR CE1 HE1  sing N N 268 
TYR CE2 CZ   sing Y N 269 
TYR CE2 HE2  sing N N 270 
TYR CZ  OH   sing N N 271 
TYR OH  HH   sing N N 272 
TYR OXT HXT  sing N N 273 
VAL N   CA   sing N N 274 
VAL N   H    sing N N 275 
VAL N   H2   sing N N 276 
VAL CA  C    sing N N 277 
VAL CA  CB   sing N N 278 
VAL CA  HA   sing N N 279 
VAL C   O    doub N N 280 
VAL C   OXT  sing N N 281 
VAL CB  CG1  sing N N 282 
VAL CB  CG2  sing N N 283 
VAL CB  HB   sing N N 284 
VAL CG1 HG11 sing N N 285 
VAL CG1 HG12 sing N N 286 
VAL CG1 HG13 sing N N 287 
VAL CG2 HG21 sing N N 288 
VAL CG2 HG22 sing N N 289 
VAL CG2 HG23 sing N N 290 
VAL OXT HXT  sing N N 291 
# 
_atom_sites.entry_id                    1BHP 
_atom_sites.fract_transf_matrix[1][1]   0.01591547 
_atom_sites.fract_transf_matrix[1][2]   -0.00499631 
_atom_sites.fract_transf_matrix[1][3]   0.00808883 
_atom_sites.fract_transf_matrix[2][1]   -0.00797884 
_atom_sites.fract_transf_matrix[2][2]   0.00155814 
_atom_sites.fract_transf_matrix[2][3]   0.01666148 
_atom_sites.fract_transf_matrix[3][1]   -0.00383348 
_atom_sites.fract_transf_matrix[3][2]   -0.01318688 
_atom_sites.fract_transf_matrix[3][3]   -0.00060257 
_atom_sites.fract_transf_vector[1]      0.335285 
_atom_sites.fract_transf_vector[2]      0.133946 
_atom_sites.fract_transf_vector[3]      0.361829 
# 
loop_
_atom_type.symbol 
C 
N 
O 
P 
S 
# 
loop_
_atom_site.group_PDB 
_atom_site.id 
_atom_site.type_symbol 
_atom_site.label_atom_id 
_atom_site.label_alt_id 
_atom_site.label_comp_id 
_atom_site.label_asym_id 
_atom_site.label_entity_id 
_atom_site.label_seq_id 
_atom_site.pdbx_PDB_ins_code 
_atom_site.Cartn_x 
_atom_site.Cartn_y 
_atom_site.Cartn_z 
_atom_site.occupancy 
_atom_site.B_iso_or_equiv 
_atom_site.pdbx_formal_charge 
_atom_site.auth_seq_id 
_atom_site.auth_comp_id 
_atom_site.auth_asym_id 
_atom_site.auth_atom_id 
_atom_site.pdbx_PDB_model_num 
ATOM   1   N N   . LYS A 1 1  ? -7.736  3.067   -2.754  1.00 19.83 ? 1   LYS A N   1 
ATOM   2   C CA  . LYS A 1 1  ? -6.673  3.718   -1.971  1.00 19.46 ? 1   LYS A CA  1 
ATOM   3   C C   . LYS A 1 1  ? -5.752  2.628   -1.416  1.00 17.75 ? 1   LYS A C   1 
ATOM   4   O O   . LYS A 1 1  ? -6.242  1.552   -1.051  1.00 17.46 ? 1   LYS A O   1 
ATOM   5   C CB  . LYS A 1 1  ? -7.208  4.478   -0.771  1.00 20.50 ? 1   LYS A CB  1 
ATOM   6   C CG  . LYS A 1 1  ? -6.370  5.695   -0.375  1.00 22.95 ? 1   LYS A CG  1 
ATOM   7   C CD  . LYS A 1 1  ? -6.930  6.367   0.854   1.00 23.79 ? 1   LYS A CD  1 
ATOM   8   C CE  . LYS A 1 1  ? -6.043  7.436   1.422   1.00 25.44 ? 1   LYS A CE  1 
ATOM   9   N NZ  . LYS A 1 1  ? -5.520  8.313   0.331   1.00 26.77 ? 1   LYS A NZ  1 
ATOM   10  N N   . SER A 1 2  ? -4.458  2.970   -1.382  1.00 15.68 ? 2   SER A N   1 
ATOM   11  C CA  . SER A 1 2  ? -3.539  1.959   -0.801  1.00 15.30 ? 2   SER A CA  1 
ATOM   12  C C   . SER A 1 2  ? -3.244  2.528   0.607   1.00 13.38 ? 2   SER A C   1 
ATOM   13  O O   . SER A 1 2  ? -3.123  3.744   0.733   1.00 11.97 ? 2   SER A O   1 
ATOM   14  C CB  . SER A 1 2  ? -2.252  1.820   -1.571  1.00 14.94 ? 2   SER A CB  1 
ATOM   15  O OG  . SER A 1 2  ? -1.748  3.124   -1.865  1.00 16.33 ? 2   SER A OG  1 
ATOM   16  N N   . CYS A 1 3  ? -3.103  1.627   1.522   1.00 13.52 ? 3   CYS A N   1 
ATOM   17  C CA  . CYS A 1 3  ? -2.807  1.955   2.925   1.00 13.63 ? 3   CYS A CA  1 
ATOM   18  C C   . CYS A 1 3  ? -1.731  1.011   3.427   1.00 13.07 ? 3   CYS A C   1 
ATOM   19  O O   . CYS A 1 3  ? -1.944  -0.215  3.473   1.00 16.15 ? 3   CYS A O   1 
ATOM   20  C CB  . CYS A 1 3  ? -4.100  1.709   3.756   1.00 14.19 ? 3   CYS A CB  1 
ATOM   21  S SG  . CYS A 1 3  ? -5.390  2.784   3.081   1.00 14.03 ? 3   CYS A SG  1 
ATOM   22  N N   . CYS A 1 4  ? -0.611  1.580   3.798   1.00 14.58 ? 4   CYS A N   1 
ATOM   23  C CA  . CYS A 1 4  ? 0.525   0.793   4.273   1.00 15.73 ? 4   CYS A CA  1 
ATOM   24  C C   . CYS A 1 4  ? 0.695   0.855   5.785   1.00 16.80 ? 4   CYS A C   1 
ATOM   25  O O   . CYS A 1 4  ? 0.282   1.809   6.459   1.00 17.76 ? 4   CYS A O   1 
ATOM   26  C CB  . CYS A 1 4  ? 1.765   1.271   3.504   1.00 15.50 ? 4   CYS A CB  1 
ATOM   27  S SG  . CYS A 1 4  ? 1.618   1.024   1.674   1.00 14.58 ? 4   CYS A SG  1 
ATOM   28  N N   . LYS A 1 5  ? 1.360   -0.157  6.318   1.00 19.31 ? 5   LYS A N   1 
ATOM   29  C CA  . LYS A 1 5  ? 1.629   -0.208  7.772   1.00 21.33 ? 5   LYS A CA  1 
ATOM   30  C C   . LYS A 1 5  ? 2.827   0.648   8.179   1.00 21.02 ? 5   LYS A C   1 
ATOM   31  O O   . LYS A 1 5  ? 2.801   1.208   9.302   1.00 21.53 ? 5   LYS A O   1 
ATOM   32  C CB  . LYS A 1 5  ? 1.973   -1.581  8.264   1.00 23.23 ? 5   LYS A CB  1 
ATOM   33  C CG  . LYS A 1 5  ? 1.225   -2.806  7.854   1.00 24.93 ? 5   LYS A CG  1 
ATOM   34  C CD  . LYS A 1 5  ? 1.588   -3.964  8.806   1.00 28.12 ? 5   LYS A CD  1 
ATOM   35  C CE  . LYS A 1 5  ? 1.381   -5.301  8.102   1.00 26.43 ? 5   LYS A CE  1 
ATOM   36  N NZ  . LYS A 1 5  ? 1.250   -6.354  9.195   1.00 31.44 ? 5   LYS A NZ  1 
ATOM   37  N N   . SER A 1 6  ? 3.856   0.725   7.352   1.00 19.51 ? 6   SER A N   1 
ATOM   38  C CA  . SER A 1 6  ? 5.052   1.513   7.729   1.00 18.81 ? 6   SER A CA  1 
ATOM   39  C C   . SER A 1 6  ? 5.509   2.351   6.542   1.00 18.65 ? 6   SER A C   1 
ATOM   40  O O   . SER A 1 6  ? 5.025   2.084   5.432   1.00 19.66 ? 6   SER A O   1 
ATOM   41  C CB  . SER A 1 6  ? 6.194   0.569   8.133   1.00 18.61 ? 6   SER A CB  1 
ATOM   42  O OG  . SER A 1 6  ? 6.511   -0.333  7.052   1.00 19.38 ? 6   SER A OG  1 
ATOM   43  N N   . THR A 1 7  ? 6.406   3.267   6.816   1.00 19.05 ? 7   THR A N   1 
ATOM   44  C CA  . THR A 1 7  ? 6.995   4.145   5.787   1.00 20.07 ? 7   THR A CA  1 
ATOM   45  C C   . THR A 1 7  ? 7.781   3.319   4.777   1.00 20.51 ? 7   THR A C   1 
ATOM   46  O O   . THR A 1 7  ? 7.865   3.658   3.595   1.00 19.08 ? 7   THR A O   1 
ATOM   47  C CB  . THR A 1 7  ? 7.901   5.245   6.466   1.00 20.02 ? 7   THR A CB  1 
ATOM   48  O OG1 . THR A 1 7  ? 9.013   4.514   7.031   1.00 22.33 ? 7   THR A OG1 1 
ATOM   49  C CG2 . THR A 1 7  ? 7.119   6.136   7.430   1.00 21.37 ? 7   THR A CG2 1 
ATOM   50  N N   . LEU A 1 8  ? 8.342   2.225   5.289   1.00 19.71 ? 8   LEU A N   1 
ATOM   51  C CA  . LEU A 1 8  ? 9.133   1.258   4.513   1.00 20.10 ? 8   LEU A CA  1 
ATOM   52  C C   . LEU A 1 8  ? 8.267   0.606   3.444   1.00 19.72 ? 8   LEU A C   1 
ATOM   53  O O   . LEU A 1 8  ? 8.683   0.469   2.288   1.00 19.95 ? 8   LEU A O   1 
ATOM   54  C CB  . LEU A 1 8  ? 9.707   0.213   5.502   1.00 20.75 ? 8   LEU A CB  1 
ATOM   55  C CG  . LEU A 1 8  ? 11.060  -0.367  5.096   1.00 22.71 ? 8   LEU A CG  1 
ATOM   56  C CD1 . LEU A 1 8  ? 12.017  0.789   4.825   1.00 21.55 ? 8   LEU A CD1 1 
ATOM   57  C CD2 . LEU A 1 8  ? 11.642  -1.184  6.261   1.00 21.64 ? 8   LEU A CD2 1 
ATOM   58  N N   . GLY A 1 9  ? 7.099   0.190   3.888   1.00 18.02 ? 9   GLY A N   1 
ATOM   59  C CA  . GLY A 1 9  ? 6.080   -0.459  3.044   1.00 15.23 ? 9   GLY A CA  1 
ATOM   60  C C   . GLY A 1 9  ? 5.562   0.609   2.060   1.00 12.82 ? 9   GLY A C   1 
ATOM   61  O O   . GLY A 1 9  ? 5.308   0.247   0.911   1.00 14.02 ? 9   GLY A O   1 
ATOM   62  N N   . ARG A 1 10 ? 5.450   1.843   2.486   1.00 12.74 ? 10  ARG A N   1 
ATOM   63  C CA  . ARG A 1 10 ? 4.989   2.904   1.558   1.00 11.48 ? 10  ARG A CA  1 
ATOM   64  C C   . ARG A 1 10 ? 6.013   3.082   0.432   1.00 11.74 ? 10  ARG A C   1 
ATOM   65  O O   . ARG A 1 10 ? 5.657   3.066   -0.776  1.00 7.99  ? 10  ARG A O   1 
ATOM   66  C CB  . ARG A 1 10 ? 4.677   4.236   2.272   1.00 13.73 ? 10  ARG A CB  1 
ATOM   67  C CG  . ARG A 1 10 ? 4.450   5.389   1.249   1.00 13.50 ? 10  ARG A CG  1 
ATOM   68  C CD  . ARG A 1 10 ? 3.264   5.124   0.367   1.00 12.94 ? 10  ARG A CD  1 
ATOM   69  N NE  . ARG A 1 10 ? 2.004   4.903   1.025   1.00 13.29 ? 10  ARG A NE  1 
ATOM   70  C CZ  . ARG A 1 10 ? 0.909   4.493   0.363   1.00 13.40 ? 10  ARG A CZ  1 
ATOM   71  N NH1 . ARG A 1 10 ? 0.891   4.350   -0.957  1.00 11.68 ? 10  ARG A NH1 1 
ATOM   72  N NH2 . ARG A 1 10 ? -0.200  4.239   1.054   1.00 11.87 ? 10  ARG A NH2 1 
ATOM   73  N N   . ASN A 1 11 ? 7.296   3.213   0.779   1.00 8.71  ? 11  ASN A N   1 
ATOM   74  C CA  . ASN A 1 11 ? 8.343   3.382   -0.298  1.00 10.91 ? 11  ASN A CA  1 
ATOM   75  C C   . ASN A 1 11 ? 8.314   2.139   -1.156  1.00 12.13 ? 11  ASN A C   1 
ATOM   76  O O   . ASN A 1 11 ? 8.471   2.185   -2.406  1.00 15.44 ? 11  ASN A O   1 
ATOM   77  C CB  . ASN A 1 11 ? 9.675   3.688   0.391   1.00 8.87  ? 11  ASN A CB  1 
ATOM   78  C CG  . ASN A 1 11 ? 9.826   5.133   0.728   1.00 8.27  ? 11  ASN A CG  1 
ATOM   79  O OD1 . ASN A 1 11 ? 8.902   5.838   1.243   1.00 9.42  ? 11  ASN A OD1 1 
ATOM   80  N ND2 . ASN A 1 11 ? 10.966  5.723   0.442   1.00 8.05  ? 11  ASN A ND2 1 
ATOM   81  N N   . CYS A 1 12 ? 8.134   1.013   -0.497  1.00 13.47 ? 12  CYS A N   1 
ATOM   82  C CA  . CYS A 1 12 ? 8.089   -0.268  -1.222  1.00 14.56 ? 12  CYS A CA  1 
ATOM   83  C C   . CYS A 1 12 ? 6.963   -0.226  -2.274  1.00 14.23 ? 12  CYS A C   1 
ATOM   84  O O   . CYS A 1 12 ? 7.228   -0.607  -3.429  1.00 12.69 ? 12  CYS A O   1 
ATOM   85  C CB  . CYS A 1 12 ? 7.916   -1.461  -0.328  1.00 15.99 ? 12  CYS A CB  1 
ATOM   86  S SG  . CYS A 1 12 ? 7.774   -3.084  -1.085  1.00 18.82 ? 12  CYS A SG  1 
ATOM   87  N N   . TYR A 1 13 ? 5.776   0.147   -1.835  1.00 12.25 ? 13  TYR A N   1 
ATOM   88  C CA  . TYR A 1 13 ? 4.624   0.152   -2.767  1.00 10.90 ? 13  TYR A CA  1 
ATOM   89  C C   . TYR A 1 13 ? 4.822   1.105   -3.895  1.00 10.67 ? 13  TYR A C   1 
ATOM   90  O O   . TYR A 1 13 ? 4.625   0.753   -5.087  1.00 12.87 ? 13  TYR A O   1 
ATOM   91  C CB  . TYR A 1 13 ? 3.344   0.468   -1.943  1.00 12.40 ? 13  TYR A CB  1 
ATOM   92  C CG  . TYR A 1 13 ? 2.102   0.517   -2.774  1.00 12.55 ? 13  TYR A CG  1 
ATOM   93  C CD1 . TYR A 1 13 ? 1.640   1.673   -3.369  1.00 13.41 ? 13  TYR A CD1 1 
ATOM   94  C CD2 . TYR A 1 13 ? 1.390   -0.680  -2.932  1.00 13.40 ? 13  TYR A CD2 1 
ATOM   95  C CE1 . TYR A 1 13 ? 0.461   1.699   -4.155  1.00 11.87 ? 13  TYR A CE1 1 
ATOM   96  C CE2 . TYR A 1 13 ? 0.201   -0.677  -3.693  1.00 12.67 ? 13  TYR A CE2 1 
ATOM   97  C CZ  . TYR A 1 13 ? -0.224  0.485   -4.280  1.00 12.28 ? 13  TYR A CZ  1 
ATOM   98  O OH  . TYR A 1 13 ? -1.382  0.400   -5.027  1.00 13.52 ? 13  TYR A OH  1 
ATOM   99  N N   . ASN A 1 14 ? 5.218   2.345   -3.602  1.00 10.78 ? 14  ASN A N   1 
ATOM   100 C CA  . ASN A 1 14 ? 5.394   3.349   -4.644  1.00 10.78 ? 14  ASN A CA  1 
ATOM   101 C C   . ASN A 1 14 ? 6.404   2.917   -5.703  1.00 11.78 ? 14  ASN A C   1 
ATOM   102 O O   . ASN A 1 14 ? 6.206   3.225   -6.888  1.00 13.36 ? 14  ASN A O   1 
ATOM   103 C CB  . ASN A 1 14 ? 5.728   4.723   -4.068  1.00 10.80 ? 14  ASN A CB  1 
ATOM   104 C CG  . ASN A 1 14 ? 4.657   5.391   -3.315  1.00 9.01  ? 14  ASN A CG  1 
ATOM   105 O OD1 . ASN A 1 14 ? 3.542   4.818   -3.242  1.00 11.63 ? 14  ASN A OD1 1 
ATOM   106 N ND2 . ASN A 1 14 ? 4.915   6.568   -2.716  1.00 9.33  ? 14  ASN A ND2 1 
ATOM   107 N N   . LEU A 1 15 ? 7.477   2.277   -5.281  1.00 11.13 ? 15  LEU A N   1 
ATOM   108 C CA  . LEU A 1 15 ? 8.543   1.839   -6.259  1.00 11.08 ? 15  LEU A CA  1 
ATOM   109 C C   . LEU A 1 15 ? 8.016   0.684   -7.062  1.00 12.31 ? 15  LEU A C   1 
ATOM   110 O O   . LEU A 1 15 ? 8.217   0.605   -8.321  1.00 12.97 ? 15  LEU A O   1 
ATOM   111 C CB  . LEU A 1 15 ? 9.730   1.407   -5.383  1.00 12.22 ? 15  LEU A CB  1 
ATOM   112 C CG  . LEU A 1 15 ? 10.832  2.322   -4.985  1.00 14.14 ? 15  LEU A CG  1 
ATOM   113 C CD1 . LEU A 1 15 ? 12.155  1.692   -4.669  1.00 11.37 ? 15  LEU A CD1 1 
ATOM   114 C CD2 . LEU A 1 15 ? 11.100  3.302   -6.135  1.00 13.72 ? 15  LEU A CD2 1 
ATOM   115 N N   . CYS A 1 16 ? 7.343   -0.196  -6.356  1.00 12.64 ? 16  CYS A N   1 
ATOM   116 C CA  . CYS A 1 16 ? 6.751   -1.399  -7.006  1.00 13.57 ? 16  CYS A CA  1 
ATOM   117 C C   . CYS A 1 16 ? 5.780   -1.006  -8.105  1.00 14.23 ? 16  CYS A C   1 
ATOM   118 O O   . CYS A 1 16 ? 5.731   -1.670  -9.147  1.00 13.19 ? 16  CYS A O   1 
ATOM   119 C CB  . CYS A 1 16 ? 6.146   -2.351  -5.976  1.00 12.67 ? 16  CYS A CB  1 
ATOM   120 S SG  . CYS A 1 16 ? 5.288   -3.803  -6.640  1.00 15.16 ? 16  CYS A SG  1 
ATOM   121 N N   . ARG A 1 17 ? 4.989   0.036   -7.910  1.00 14.24 ? 17  ARG A N   1 
ATOM   122 C CA  . ARG A 1 17 ? 3.993   0.477   -8.869  1.00 15.39 ? 17  ARG A CA  1 
ATOM   123 C C   . ARG A 1 17 ? 4.588   0.956   -10.164 1.00 15.01 ? 17  ARG A C   1 
ATOM   124 O O   . ARG A 1 17 ? 3.826   1.223   -11.084 1.00 16.14 ? 17  ARG A O   1 
ATOM   125 C CB  . ARG A 1 17 ? 3.052   1.526   -8.283  1.00 14.58 ? 17  ARG A CB  1 
ATOM   126 C CG  . ARG A 1 17 ? 2.093   0.919   -7.222  1.00 15.63 ? 17  ARG A CG  1 
ATOM   127 C CD  . ARG A 1 17 ? 0.975   0.161   -7.929  1.00 14.53 ? 17  ARG A CD  1 
ATOM   128 N NE  . ARG A 1 17 ? 0.141   1.189   -8.557  1.00 16.17 ? 17  ARG A NE  1 
ATOM   129 C CZ  . ARG A 1 17 ? -0.193  1.190   -9.857  1.00 17.00 ? 17  ARG A CZ  1 
ATOM   130 N NH1 . ARG A 1 17 ? 0.225   0.274   -10.709 1.00 16.35 ? 17  ARG A NH1 1 
ATOM   131 N NH2 . ARG A 1 17 ? -0.955  2.210   -10.261 1.00 17.80 ? 17  ARG A NH2 1 
ATOM   132 N N   . ALA A 1 18 ? 5.925   1.099   -10.204 1.00 15.18 ? 18  ALA A N   1 
ATOM   133 C CA  . ALA A 1 18 ? 6.552   1.546   -11.471 1.00 15.40 ? 18  ALA A CA  1 
ATOM   134 C C   . ALA A 1 18 ? 6.348   0.443   -12.489 1.00 15.37 ? 18  ALA A C   1 
ATOM   135 O O   . ALA A 1 18 ? 6.172   0.727   -13.704 1.00 17.06 ? 18  ALA A O   1 
ATOM   136 C CB  . ALA A 1 18 ? 8.067   1.789   -11.298 1.00 14.93 ? 18  ALA A CB  1 
ATOM   137 N N   . ARG A 1 19 ? 6.326   -0.791  -12.076 1.00 17.49 ? 19  ARG A N   1 
ATOM   138 C CA  . ARG A 1 19 ? 6.161   -1.931  -12.961 1.00 18.10 ? 19  ARG A CA  1 
ATOM   139 C C   . ARG A 1 19 ? 5.108   -2.931  -12.616 1.00 18.34 ? 19  ARG A C   1 
ATOM   140 O O   . ARG A 1 19 ? 4.859   -3.827  -13.417 1.00 18.67 ? 19  ARG A O   1 
ATOM   141 C CB  . ARG A 1 19 ? 7.543   -2.675  -13.036 1.00 20.11 ? 19  ARG A CB  1 
ATOM   142 C CG  . ARG A 1 19 ? 8.698   -1.734  -13.396 1.00 22.39 ? 19  ARG A CG  1 
ATOM   143 C CD  . ARG A 1 19 ? 8.937   -1.781  -14.890 1.00 24.42 ? 19  ARG A CD  1 
ATOM   144 N NE  . ARG A 1 19 ? 9.436   -0.525  -15.404 1.00 27.09 ? 19  ARG A NE  1 
ATOM   145 C CZ  . ARG A 1 19 ? 10.658  -0.034  -15.324 1.00 27.30 ? 19  ARG A CZ  1 
ATOM   146 N NH1 . ARG A 1 19 ? 11.605  -0.654  -14.600 1.00 29.55 ? 19  ARG A NH1 1 
ATOM   147 N NH2 . ARG A 1 19 ? 11.042  1.064   -15.977 1.00 28.35 ? 19  ARG A NH2 1 
ATOM   148 N N   . GLY A 1 20 ? 4.467   -2.835  -11.456 1.00 17.53 ? 20  GLY A N   1 
ATOM   149 C CA  . GLY A 1 20 ? 3.474   -3.786  -11.027 1.00 17.21 ? 20  GLY A CA  1 
ATOM   150 C C   . GLY A 1 20 ? 2.110   -3.175  -10.798 1.00 17.79 ? 20  GLY A C   1 
ATOM   151 O O   . GLY A 1 20 ? 1.939   -1.958  -10.750 1.00 18.19 ? 20  GLY A O   1 
ATOM   152 N N   . ALA A 1 21 ? 1.149   -4.075  -10.717 1.00 20.30 ? 21  ALA A N   1 
ATOM   153 C CA  . ALA A 1 21 ? -0.258  -3.685  -10.480 1.00 22.01 ? 21  ALA A CA  1 
ATOM   154 C C   . ALA A 1 21 ? -0.454  -3.342  -9.000  1.00 23.31 ? 21  ALA A C   1 
ATOM   155 O O   . ALA A 1 21 ? 0.352   -3.804  -8.166  1.00 24.32 ? 21  ALA A O   1 
ATOM   156 C CB  . ALA A 1 21 ? -1.135  -4.880  -10.856 1.00 22.40 ? 21  ALA A CB  1 
ATOM   157 N N   . GLN A 1 22 ? -1.513  -2.616  -8.718  1.00 24.98 ? 22  GLN A N   1 
ATOM   158 C CA  . GLN A 1 22 ? -1.856  -2.242  -7.320  1.00 25.99 ? 22  GLN A CA  1 
ATOM   159 C C   . GLN A 1 22 ? -1.877  -3.475  -6.416  1.00 25.33 ? 22  GLN A C   1 
ATOM   160 O O   . GLN A 1 22 ? -1.167  -3.561  -5.429  1.00 26.11 ? 22  GLN A O   1 
ATOM   161 C CB  . GLN A 1 22 ? -3.202  -1.529  -7.226  1.00 26.89 ? 22  GLN A CB  1 
ATOM   162 C CG  . GLN A 1 22 ? -3.354  -0.345  -8.182  1.00 28.63 ? 22  GLN A CG  1 
ATOM   163 C CD  . GLN A 1 22 ? -4.642  0.415   -7.920  1.00 29.68 ? 22  GLN A CD  1 
ATOM   164 O OE1 . GLN A 1 22 ? -4.683  1.646   -7.918  1.00 29.99 ? 22  GLN A OE1 1 
ATOM   165 N NE2 . GLN A 1 22 ? -5.708  -0.359  -7.689  1.00 30.13 ? 22  GLN A NE2 1 
ATOM   166 N N   . LYS A 1 23 ? -2.690  -4.434  -6.733  1.00 26.01 ? 23  LYS A N   1 
ATOM   167 C CA  . LYS A 1 23 ? -2.935  -5.687  -6.035  1.00 26.20 ? 23  LYS A CA  1 
ATOM   168 C C   . LYS A 1 23 ? -1.706  -6.501  -5.800  1.00 25.09 ? 23  LYS A C   1 
ATOM   169 O O   . LYS A 1 23 ? -1.600  -7.054  -4.681  1.00 23.88 ? 23  LYS A O   1 
ATOM   170 C CB  . LYS A 1 23 ? -4.066  -6.529  -6.603  1.00 27.12 ? 23  LYS A CB  1 
ATOM   171 C CG  . LYS A 1 23 ? -5.488  -6.096  -6.244  1.00 29.21 ? 23  LYS A CG  1 
ATOM   172 C CD  . LYS A 1 23 ? -6.437  -7.287  -6.272  1.00 31.04 ? 23  LYS A CD  1 
ATOM   173 C CE  . LYS A 1 23 ? -7.886  -6.969  -6.560  1.00 31.82 ? 23  LYS A CE  1 
ATOM   174 N NZ  . LYS A 1 23 ? -8.633  -6.577  -5.331  1.00 33.11 ? 23  LYS A NZ  1 
ATOM   175 N N   . LEU A 1 24 ? -0.785  -6.601  -6.754  1.00 24.23 ? 24  LEU A N   1 
ATOM   176 C CA  . LEU A 1 24 ? 0.446   -7.386  -6.500  1.00 22.47 ? 24  LEU A CA  1 
ATOM   177 C C   . LEU A 1 24 ? 1.397   -6.615  -5.595  1.00 21.78 ? 24  LEU A C   1 
ATOM   178 O O   . LEU A 1 24 ? 2.080   -7.175  -4.731  1.00 22.81 ? 24  LEU A O   1 
ATOM   179 C CB  . LEU A 1 24 ? 1.077   -7.658  -7.891  1.00 23.38 ? 24  LEU A CB  1 
ATOM   180 C CG  . LEU A 1 24 ? 2.519   -8.115  -7.801  1.00 22.21 ? 24  LEU A CG  1 
ATOM   181 C CD1 . LEU A 1 24 ? 2.557   -9.606  -7.472  1.00 23.50 ? 24  LEU A CD1 1 
ATOM   182 C CD2 . LEU A 1 24 ? 3.211   -7.822  -9.140  1.00 23.96 ? 24  LEU A CD2 1 
ATOM   183 N N   . CYS A 1 25 ? 1.475   -5.313  -5.817  1.00 21.10 ? 25  CYS A N   1 
ATOM   184 C CA  . CYS A 1 25 ? 2.338   -4.426  -5.018  1.00 20.62 ? 25  CYS A CA  1 
ATOM   185 C C   . CYS A 1 25 ? 1.884   -4.345  -3.568  1.00 21.66 ? 25  CYS A C   1 
ATOM   186 O O   . CYS A 1 25 ? 2.721   -4.279  -2.672  1.00 20.74 ? 25  CYS A O   1 
ATOM   187 C CB  . CYS A 1 25 ? 2.471   -3.058  -5.699  1.00 19.40 ? 25  CYS A CB  1 
ATOM   188 S SG  . CYS A 1 25 ? 3.474   -3.116  -7.187  1.00 16.60 ? 25  CYS A SG  1 
ATOM   189 N N   . ALA A 1 26 ? 0.577   -4.332  -3.359  1.00 22.64 ? 26  ALA A N   1 
ATOM   190 C CA  . ALA A 1 26 ? 0.007   -4.277  -1.990  1.00 23.19 ? 26  ALA A CA  1 
ATOM   191 C C   . ALA A 1 26 ? 0.494   -5.506  -1.231  1.00 23.47 ? 26  ALA A C   1 
ATOM   192 O O   . ALA A 1 26 ? 0.996   -5.360  -0.118  1.00 25.00 ? 26  ALA A O   1 
ATOM   193 C CB  . ALA A 1 26 ? -1.495  -4.197  -2.033  1.00 21.96 ? 26  ALA A CB  1 
ATOM   194 N N   . ASN A 1 27 ? 0.377   -6.668  -1.839  1.00 25.17 ? 27  ASN A N   1 
ATOM   195 C CA  . ASN A 1 27 ? 0.795   -7.939  -1.278  1.00 25.76 ? 27  ASN A CA  1 
ATOM   196 C C   . ASN A 1 27 ? 2.255   -8.035  -0.867  1.00 25.78 ? 27  ASN A C   1 
ATOM   197 O O   . ASN A 1 27 ? 2.551   -8.444  0.281   1.00 25.90 ? 27  ASN A O   1 
ATOM   198 C CB  . ASN A 1 27 ? 0.484   -9.124  -2.245  0.80 27.97 ? 27  ASN A CB  1 
ATOM   199 C CG  . ASN A 1 27 ? -0.977  -9.509  -2.160  0.80 27.97 ? 27  ASN A CG  1 
ATOM   200 O OD1 . ASN A 1 27 ? -1.755  -9.265  -3.089  0.80 30.26 ? 27  ASN A OD1 1 
ATOM   201 N ND2 . ASN A 1 27 ? -1.372  -10.118 -1.043  0.80 29.59 ? 27  ASN A ND2 1 
ATOM   202 N N   . VAL A 1 28 ? 3.129   -7.687  -1.783  1.00 24.45 ? 28  VAL A N   1 
ATOM   203 C CA  . VAL A 1 28 ? 4.563   -7.761  -1.577  1.00 24.91 ? 28  VAL A CA  1 
ATOM   204 C C   . VAL A 1 28 ? 5.067   -6.698  -0.610  1.00 24.12 ? 28  VAL A C   1 
ATOM   205 O O   . VAL A 1 28 ? 6.113   -6.930  0.036   1.00 24.81 ? 28  VAL A O   1 
ATOM   206 C CB  . VAL A 1 28 ? 5.293   -7.696  -2.939  1.00 24.18 ? 28  VAL A CB  1 
ATOM   207 C CG1 . VAL A 1 28 ? 6.782   -7.520  -2.779  1.00 25.46 ? 28  VAL A CG1 1 
ATOM   208 C CG2 . VAL A 1 28 ? 4.941   -8.863  -3.855  1.00 24.89 ? 28  VAL A CG2 1 
ATOM   209 N N   . CYS A 1 29 ? 4.386   -5.557  -0.556  1.00 22.90 ? 29  CYS A N   1 
ATOM   210 C CA  . CYS A 1 29 ? 4.858   -4.480  0.355   1.00 22.15 ? 29  CYS A CA  1 
ATOM   211 C C   . CYS A 1 29 ? 4.032   -4.438  1.636   1.00 22.49 ? 29  CYS A C   1 
ATOM   212 O O   . CYS A 1 29 ? 4.168   -3.487  2.435   1.00 22.08 ? 29  CYS A O   1 
ATOM   213 C CB  . CYS A 1 29 ? 4.865   -3.162  -0.402  1.00 20.69 ? 29  CYS A CB  1 
ATOM   214 S SG  . CYS A 1 29 ? 5.931   -3.141  -1.887  1.00 19.73 ? 29  CYS A SG  1 
ATOM   215 N N   . ARG A 1 30 ? 3.240   -5.424  1.863   1.00 23.99 ? 30  ARG A N   1 
ATOM   216 C CA  . ARG A 1 30 ? 2.346   -5.647  2.985   1.00 26.21 ? 30  ARG A CA  1 
ATOM   217 C C   . ARG A 1 30 ? 1.403   -4.487  3.254   1.00 25.76 ? 30  ARG A C   1 
ATOM   218 O O   . ARG A 1 30 ? 1.224   -4.046  4.414   1.00 26.12 ? 30  ARG A O   1 
ATOM   219 C CB  . ARG A 1 30 ? 3.121   -6.046  4.271   1.00 27.31 ? 30  ARG A CB  1 
ATOM   220 C CG  . ARG A 1 30 ? 3.900   -7.364  4.059   1.00 31.88 ? 30  ARG A CG  1 
ATOM   221 C CD  . ARG A 1 30 ? 5.053   -7.525  4.978   1.00 32.88 ? 30  ARG A CD  1 
ATOM   222 N NE  . ARG A 1 30 ? 4.760   -8.077  6.275   1.00 37.07 ? 30  ARG A NE  1 
ATOM   223 C CZ  . ARG A 1 30 ? 4.879   -9.274  6.821   1.00 36.64 ? 30  ARG A CZ  1 
ATOM   224 N NH1 . ARG A 1 30 ? 5.426   -10.321 6.203   1.00 38.56 ? 30  ARG A NH1 1 
ATOM   225 N NH2 . ARG A 1 30 ? 4.405   -9.475  8.074   1.00 38.47 ? 30  ARG A NH2 1 
ATOM   226 N N   . CYS A 1 31 ? 0.805   -3.984  2.181   1.00 23.87 ? 31  CYS A N   1 
ATOM   227 C CA  . CYS A 1 31 ? -0.133  -2.867  2.204   1.00 22.31 ? 31  CYS A CA  1 
ATOM   228 C C   . CYS A 1 31 ? -1.510  -3.448  1.938   1.00 22.99 ? 31  CYS A C   1 
ATOM   229 O O   . CYS A 1 31 ? -1.620  -4.648  1.641   1.00 24.89 ? 31  CYS A O   1 
ATOM   230 C CB  . CYS A 1 31 ? 0.201   -1.733  1.223   1.00 19.96 ? 31  CYS A CB  1 
ATOM   231 S SG  . CYS A 1 31 ? 1.774   -0.957  1.446   1.00 17.63 ? 31  CYS A SG  1 
ATOM   232 N N   . LYS A 1 32 ? -2.504  -2.606  2.076   1.00 23.94 ? 32  LYS A N   1 
ATOM   233 C CA  . LYS A 1 32 ? -3.911  -3.051  1.861   1.00 24.08 ? 32  LYS A CA  1 
ATOM   234 C C   . LYS A 1 32 ? -4.548  -2.062  0.900   1.00 22.36 ? 32  LYS A C   1 
ATOM   235 O O   . LYS A 1 32 ? -4.189  -0.886  1.014   1.00 22.08 ? 32  LYS A O   1 
ATOM   236 C CB  . LYS A 1 32 ? -4.736  -2.983  3.148   1.00 25.04 ? 32  LYS A CB  1 
ATOM   237 C CG  . LYS A 1 32 ? -4.886  -4.279  3.912   1.00 27.62 ? 32  LYS A CG  1 
ATOM   238 C CD  . LYS A 1 32 ? -5.960  -4.225  4.996   1.00 29.51 ? 32  LYS A CD  1 
ATOM   239 C CE  . LYS A 1 32 ? -6.359  -5.679  5.371   1.00 30.62 ? 32  LYS A CE  1 
ATOM   240 N NZ  . LYS A 1 32 ? -5.093  -6.493  5.427   1.00 32.81 ? 32  LYS A NZ  1 
ATOM   241 N N   . LEU A 1 33 ? -5.405  -2.570  0.049   1.00 21.47 ? 33  LEU A N   1 
ATOM   242 C CA  . LEU A 1 33 ? -6.119  -1.633  -0.887  1.00 20.68 ? 33  LEU A CA  1 
ATOM   243 C C   . LEU A 1 33 ? -7.514  -1.485  -0.240  1.00 21.61 ? 33  LEU A C   1 
ATOM   244 O O   . LEU A 1 33 ? -8.049  -2.515  0.224   1.00 21.27 ? 33  LEU A O   1 
ATOM   245 C CB  . LEU A 1 33 ? -6.110  -2.294  -2.249  1.00 20.42 ? 33  LEU A CB  1 
ATOM   246 C CG  . LEU A 1 33 ? -4.767  -2.380  -2.980  1.00 19.99 ? 33  LEU A CG  1 
ATOM   247 C CD1 . LEU A 1 33 ? -4.961  -3.089  -4.316  1.00 20.09 ? 33  LEU A CD1 1 
ATOM   248 C CD2 . LEU A 1 33 ? -4.251  -0.980  -3.185  1.00 20.04 ? 33  LEU A CD2 1 
ATOM   249 N N   . THR A 1 34 ? -8.033  -0.286  -0.187  1.00 21.30 ? 34  THR A N   1 
ATOM   250 C CA  . THR A 1 34 ? -9.380  -0.115  0.407   1.00 22.53 ? 34  THR A CA  1 
ATOM   251 C C   . THR A 1 34 ? -10.306 0.599   -0.570  1.00 21.42 ? 34  THR A C   1 
ATOM   252 O O   . THR A 1 34 ? -9.765  1.363   -1.393  1.00 21.32 ? 34  THR A O   1 
ATOM   253 C CB  . THR A 1 34 ? -9.315  0.787   1.717   1.00 22.38 ? 34  THR A CB  1 
ATOM   254 O OG1 . THR A 1 34 ? -10.741 0.800   2.079   1.00 23.73 ? 34  THR A OG1 1 
ATOM   255 C CG2 . THR A 1 34 ? -8.822  2.209   1.470   1.00 22.47 ? 34  THR A CG2 1 
ATOM   256 N N   . SER A 1 35 ? -11.606 0.380   -0.466  1.00 22.53 ? 35  SER A N   1 
ATOM   257 C CA  . SER A 1 35 ? -12.573 1.069   -1.322  1.00 22.17 ? 35  SER A CA  1 
ATOM   258 C C   . SER A 1 35 ? -12.956 2.415   -0.692  1.00 22.05 ? 35  SER A C   1 
ATOM   259 O O   . SER A 1 35 ? -13.508 3.324   -1.352  1.00 20.30 ? 35  SER A O   1 
ATOM   260 C CB  . SER A 1 35 ? -13.849 0.256   -1.546  1.00 24.27 ? 35  SER A CB  1 
ATOM   261 O OG  . SER A 1 35 ? -13.577 -0.795  -2.464  1.00 26.71 ? 35  SER A OG  1 
ATOM   262 N N   . GLY A 1 36 ? -12.655 2.532   0.582   1.00 20.61 ? 36  GLY A N   1 
ATOM   263 C CA  . GLY A 1 36 ? -12.944 3.762   1.353   1.00 19.71 ? 36  GLY A CA  1 
ATOM   264 C C   . GLY A 1 36 ? -12.019 4.869   0.932   1.00 19.51 ? 36  GLY A C   1 
ATOM   265 O O   . GLY A 1 36 ? -10.960 4.634   0.348   1.00 18.85 ? 36  GLY A O   1 
ATOM   266 N N   . LEU A 1 37 ? -12.358 6.096   1.238   1.00 19.77 ? 37  LEU A N   1 
ATOM   267 C CA  . LEU A 1 37 ? -11.598 7.294   0.954   1.00 21.12 ? 37  LEU A CA  1 
ATOM   268 C C   . LEU A 1 37 ? -10.535 7.597   2.019   1.00 22.00 ? 37  LEU A C   1 
ATOM   269 O O   . LEU A 1 37 ? -9.800  8.566   1.805   1.00 21.93 ? 37  LEU A O   1 
ATOM   270 C CB  . LEU A 1 37 ? -12.587 8.477   0.802   1.00 21.99 ? 37  LEU A CB  1 
ATOM   271 C CG  . LEU A 1 37 ? -13.510 8.434   -0.425  1.00 22.32 ? 37  LEU A CG  1 
ATOM   272 C CD1 . LEU A 1 37 ? -14.917 8.868   -0.045  1.00 22.31 ? 37  LEU A CD1 1 
ATOM   273 C CD2 . LEU A 1 37 ? -12.989 9.483   -1.422  1.00 23.13 ? 37  LEU A CD2 1 
ATOM   274 N N   . SER A 1 38 ? -10.516 6.823   3.081   1.00 23.33 ? 38  SER A N   1 
ATOM   275 C CA  . SER A 1 38 ? -9.514  7.000   4.168   1.00 23.41 ? 38  SER A CA  1 
ATOM   276 C C   . SER A 1 38 ? -8.947  5.640   4.556   1.00 22.77 ? 38  SER A C   1 
ATOM   277 O O   . SER A 1 38 ? -9.528  4.596   4.267   1.00 23.45 ? 38  SER A O   1 
ATOM   278 C CB  . SER A 1 38 ? -10.071 7.763   5.352   1.00 24.46 ? 38  SER A CB  1 
ATOM   279 O OG  . SER A 1 38 ? -9.999  9.150   5.059   1.00 26.24 ? 38  SER A OG  1 
ATOM   280 N N   . CYS A 1 39 ? -7.785  5.671   5.204   1.00 22.07 ? 39  CYS A N   1 
ATOM   281 C CA  . CYS A 1 39 ? -7.109  4.422   5.611   1.00 21.78 ? 39  CYS A CA  1 
ATOM   282 C C   . CYS A 1 39 ? -7.463  4.124   7.068   1.00 22.50 ? 39  CYS A C   1 
ATOM   283 O O   . CYS A 1 39 ? -7.676  5.092   7.768   1.00 22.22 ? 39  CYS A O   1 
ATOM   284 C CB  . CYS A 1 39 ? -5.604  4.612   5.424   1.00 20.77 ? 39  CYS A CB  1 
ATOM   285 S SG  . CYS A 1 39 ? -5.050  4.594   3.679   1.00 17.22 ? 39  CYS A SG  1 
ATOM   286 N N   . PRO A 1 40 ? -7.518  2.850   7.372   1.00 24.41 ? 40  PRO A N   1 
ATOM   287 C CA  . PRO A 1 40 ? -7.810  2.396   8.751   1.00 25.08 ? 40  PRO A CA  1 
ATOM   288 C C   . PRO A 1 40 ? -6.614  2.831   9.597   1.00 26.73 ? 40  PRO A C   1 
ATOM   289 O O   . PRO A 1 40 ? -5.549  3.146   9.055   1.00 26.98 ? 40  PRO A O   1 
ATOM   290 C CB  . PRO A 1 40 ? -7.979  0.911   8.642   1.00 25.00 ? 40  PRO A CB  1 
ATOM   291 C CG  . PRO A 1 40 ? -7.761  0.507   7.226   1.00 24.21 ? 40  PRO A CG  1 
ATOM   292 C CD  . PRO A 1 40 ? -7.250  1.720   6.476   1.00 24.11 ? 40  PRO A CD  1 
ATOM   293 N N   . LYS A 1 41 ? -6.814  2.886   10.891  1.00 28.26 ? 41  LYS A N   1 
ATOM   294 C CA  . LYS A 1 41 ? -5.838  3.295   11.896  1.00 28.44 ? 41  LYS A CA  1 
ATOM   295 C C   . LYS A 1 41 ? -4.579  2.460   11.869  1.00 28.61 ? 41  LYS A C   1 
ATOM   296 O O   . LYS A 1 41 ? -3.455  2.966   12.148  1.00 27.98 ? 41  LYS A O   1 
ATOM   297 C CB  . LYS A 1 41 ? -6.515  3.074   13.286  1.00 30.92 ? 41  LYS A CB  1 
ATOM   298 C CG  . LYS A 1 41 ? -7.011  1.599   13.344  1.00 31.53 ? 41  LYS A CG  1 
ATOM   299 C CD  . LYS A 1 41 ? -7.061  1.088   14.775  1.00 34.10 ? 41  LYS A CD  1 
ATOM   300 C CE  . LYS A 1 41 ? -7.911  -0.157  14.953  1.00 34.00 ? 41  LYS A CE  1 
ATOM   301 N NZ  . LYS A 1 41 ? -7.202  -1.374  14.451  1.00 36.69 ? 41  LYS A NZ  1 
ATOM   302 N N   . ASP A 1 42 ? -4.761  1.190   11.559  1.00 27.85 ? 42  ASP A N   1 
ATOM   303 C CA  . ASP A 1 42 ? -3.657  0.225   11.507  1.00 28.08 ? 42  ASP A CA  1 
ATOM   304 C C   . ASP A 1 42 ? -2.865  0.169   10.210  1.00 27.46 ? 42  ASP A C   1 
ATOM   305 O O   . ASP A 1 42 ? -1.920  -0.663  10.155  1.00 27.65 ? 42  ASP A O   1 
ATOM   306 C CB  . ASP A 1 42 ? -4.141  -1.161  11.931  0.80 29.69 ? 42  ASP A CB  1 
ATOM   307 C CG  . ASP A 1 42 ? -5.327  -1.725  11.218  0.80 29.94 ? 42  ASP A CG  1 
ATOM   308 O OD1 . ASP A 1 42 ? -6.234  -1.059  10.702  0.80 31.48 ? 42  ASP A OD1 1 
ATOM   309 O OD2 . ASP A 1 42 ? -5.360  -2.982  11.185  0.80 31.73 ? 42  ASP A OD2 1 
ATOM   310 N N   . PHE A 1 43 ? -3.202  0.959   9.236   1.00 26.09 ? 43  PHE A N   1 
ATOM   311 C CA  . PHE A 1 43 ? -2.506  1.006   7.919   1.00 24.83 ? 43  PHE A CA  1 
ATOM   312 C C   . PHE A 1 43 ? -2.483  2.488   7.536   1.00 23.57 ? 43  PHE A C   1 
ATOM   313 O O   . PHE A 1 43 ? -3.093  2.841   6.529   1.00 22.49 ? 43  PHE A O   1 
ATOM   314 C CB  . PHE A 1 43 ? -3.258  0.211   6.867   1.00 25.80 ? 43  PHE A CB  1 
ATOM   315 C CG  . PHE A 1 43 ? -3.040  -1.266  6.940   1.00 25.67 ? 43  PHE A CG  1 
ATOM   316 C CD1 . PHE A 1 43 ? -3.844  -2.056  7.761   1.00 26.62 ? 43  PHE A CD1 1 
ATOM   317 C CD2 . PHE A 1 43 ? -2.009  -1.864  6.207   1.00 26.13 ? 43  PHE A CD2 1 
ATOM   318 C CE1 . PHE A 1 43 ? -3.632  -3.417  7.854   1.00 25.92 ? 43  PHE A CE1 1 
ATOM   319 C CE2 . PHE A 1 43 ? -1.780  -3.228  6.273   1.00 25.48 ? 43  PHE A CE2 1 
ATOM   320 C CZ  . PHE A 1 43 ? -2.613  -3.995  7.119   1.00 27.31 ? 43  PHE A CZ  1 
ATOM   321 N N   . PRO A 1 44 ? -1.812  3.273   8.348   1.00 22.52 ? 44  PRO A N   1 
ATOM   322 C CA  . PRO A 1 44 ? -1.763  4.710   8.165   1.00 22.31 ? 44  PRO A CA  1 
ATOM   323 C C   . PRO A 1 44 ? -0.699  5.351   7.335   1.00 22.83 ? 44  PRO A C   1 
ATOM   324 O O   . PRO A 1 44 ? -0.666  6.608   7.298   1.00 21.39 ? 44  PRO A O   1 
ATOM   325 C CB  . PRO A 1 44 ? -1.488  5.214   9.625   1.00 23.17 ? 44  PRO A CB  1 
ATOM   326 C CG  . PRO A 1 44 ? -0.611  4.118   10.185  1.00 22.82 ? 44  PRO A CG  1 
ATOM   327 C CD  . PRO A 1 44 ? -1.128  2.826   9.582   1.00 23.09 ? 44  PRO A CD  1 
ATOM   328 N N   . LYS A 1 45 ? 0.135   4.500   6.751   1.00 21.94 ? 45  LYS A N   1 
ATOM   329 C CA  . LYS A 1 45 ? 1.243   5.079   5.965   1.00 21.98 ? 45  LYS A CA  1 
ATOM   330 C C   . LYS A 1 45 ? 1.068   4.915   4.463   1.00 21.67 ? 45  LYS A C   1 
ATOM   331 O O   . LYS A 1 45 ? 0.095   4.286   3.984   1.00 21.97 ? 45  LYS A O   1 
ATOM   332 C CB  . LYS A 1 45 ? 2.546   4.460   6.468   1.00 22.35 ? 45  LYS A CB  1 
ATOM   333 C CG  . LYS A 1 45 ? 2.822   4.673   7.968   1.00 22.85 ? 45  LYS A CG  1 
ATOM   334 C CD  . LYS A 1 45 ? 3.191   6.126   8.253   1.00 24.16 ? 45  LYS A CD  1 
ATOM   335 C CE  . LYS A 1 45 ? 3.543   6.356   9.722   1.00 24.92 ? 45  LYS A CE  1 
ATOM   336 N NZ  . LYS A 1 45 ? 3.963   7.793   9.909   1.00 26.27 ? 45  LYS A NZ  1 
ATOM   337 O OXT . LYS A 1 45 ? 1.939   5.492   3.787   1.00 21.55 ? 45  LYS A OXT 1 
HETATM 338 P P   . PO4 B 2 .  ? -1.360  8.770   2.891   0.50 66.43 ? 50  PO4 A P   1 
HETATM 339 O O1  . PO4 B 2 .  ? -0.082  8.837   3.873   0.50 66.47 ? 50  PO4 A O1  1 
HETATM 340 O O2  . PO4 B 2 .  ? -0.898  8.154   1.458   0.50 66.32 ? 50  PO4 A O2  1 
HETATM 341 O O3  . PO4 B 2 .  ? -2.514  7.829   3.524   0.50 66.25 ? 50  PO4 A O3  1 
HETATM 342 O O4  . PO4 B 2 .  ? -1.948  10.259  2.649   0.50 66.47 ? 50  PO4 A O4  1 
HETATM 343 C C   . ACT C 3 .  ? 12.919  4.552   -2.279  0.25 25.64 ? 52  ACT A C   1 
HETATM 344 O O   . ACT C 3 .  ? 13.140  3.922   -3.362  0.25 26.92 ? 52  ACT A O   1 
HETATM 345 O OXT . ACT C 3 .  ? 12.360  4.073   -1.242  0.25 26.93 ? 52  ACT A OXT 1 
HETATM 346 C CH3 . ACT C 3 .  ? 13.375  6.071   -2.217  0.25 26.34 ? 52  ACT A CH3 1 
HETATM 347 C C   . ACT D 3 .  ? -0.205  -10.095 7.639   1.00 76.62 ? 53  ACT A C   1 
HETATM 348 O O   . ACT D 3 .  ? -0.928  -9.946  8.721   1.00 76.73 ? 53  ACT A O   1 
HETATM 349 O OXT . ACT D 3 .  ? 0.171   -11.377 7.157   1.00 76.81 ? 53  ACT A OXT 1 
HETATM 350 C CH3 . ACT D 3 .  ? 0.348   -8.841  6.925   1.00 76.58 ? 53  ACT A CH3 1 
HETATM 351 C C1  . GOL E 4 .  ? -1.256  4.618   -6.637  1.00 51.41 ? 54  GOL A C1  1 
HETATM 352 O O1  . GOL E 4 .  ? -1.758  3.295   -6.443  1.00 50.73 ? 54  GOL A O1  1 
HETATM 353 C C2  . GOL E 4 .  ? -1.626  5.467   -5.373  1.00 51.84 ? 54  GOL A C2  1 
HETATM 354 O O2  . GOL E 4 .  ? -0.410  5.895   -4.726  1.00 52.51 ? 54  GOL A O2  1 
HETATM 355 C C3  . GOL E 4 .  ? -2.448  4.600   -4.383  1.00 52.16 ? 54  GOL A C3  1 
HETATM 356 O O3  . GOL E 4 .  ? -3.234  5.383   -3.478  1.00 52.14 ? 54  GOL A O3  1 
HETATM 357 C C1  . GOL F 4 .  ? 13.016  3.824   7.458   1.00 51.58 ? 55  GOL A C1  1 
HETATM 358 O O1  . GOL F 4 .  ? 14.018  4.510   8.204   1.00 51.32 ? 55  GOL A O1  1 
HETATM 359 C C2  . GOL F 4 .  ? 12.307  4.676   6.394   1.00 51.51 ? 55  GOL A C2  1 
HETATM 360 O O2  . GOL F 4 .  ? 12.978  5.899   6.066   1.00 51.62 ? 55  GOL A O2  1 
HETATM 361 C C3  . GOL F 4 .  ? 12.043  3.909   5.071   1.00 51.51 ? 55  GOL A C3  1 
HETATM 362 O O3  . GOL F 4 .  ? 11.837  4.827   3.990   1.00 51.30 ? 55  GOL A O3  1 
HETATM 363 O O   . HOH G 5 .  ? 4.282   6.860   4.251   1.00 11.88 ? 60  HOH A O   1 
HETATM 364 O O   . HOH G 5 .  ? -3.378  6.539   0.108   1.00 35.42 ? 61  HOH A O   1 
HETATM 365 O O   . HOH G 5 .  ? -6.028  8.330   5.064   1.00 27.66 ? 62  HOH A O   1 
HETATM 366 O O   . HOH G 5 .  ? 8.903   -0.440  10.746  1.00 54.19 ? 63  HOH A O   1 
HETATM 367 O O   . HOH G 5 .  ? -10.858 5.268   -2.509  1.00 20.52 ? 64  HOH A O   1 
HETATM 368 O O   . HOH G 5 .  ? 3.518   -1.620  5.040   1.00 15.13 ? 65  HOH A O   1 
HETATM 369 O O   . HOH G 5 .  ? -10.655 1.852   4.550   1.00 50.14 ? 66  HOH A O   1 
HETATM 370 O O   . HOH G 5 .  ? 8.842   -9.443  -2.894  0.50 37.94 ? 67  HOH A O   1 
HETATM 371 O O   . HOH G 5 .  ? -5.624  -5.765  -0.377  1.00 33.40 ? 68  HOH A O   1 
HETATM 372 O O   . HOH G 5 .  ? 3.751   -6.684  -13.747 1.00 47.39 ? 69  HOH A O   1 
HETATM 373 O O   . HOH G 5 .  ? -4.749  7.338   8.471   1.00 42.76 ? 70  HOH A O   1 
HETATM 374 O O   . HOH G 5 .  ? -10.116 1.800   11.480  1.00 50.59 ? 71  HOH A O   1 
HETATM 375 O O   . HOH G 5 .  ? 1.663   5.044   -6.703  1.00 38.64 ? 72  HOH A O   1 
HETATM 376 O O   . HOH G 5 .  ? 6.541   3.548   9.974   1.00 33.91 ? 73  HOH A O   1 
HETATM 377 O O   . HOH G 5 .  ? -11.633 12.612  0.411   1.00 50.40 ? 74  HOH A O   1 
HETATM 378 O O   . HOH G 5 .  ? -13.681 4.587   -3.872  1.00 47.71 ? 75  HOH A O   1 
HETATM 379 O O   . HOH G 5 .  ? -6.028  1.158   -4.935  1.00 70.03 ? 76  HOH A O   1 
HETATM 380 O O   . HOH G 5 .  ? -9.047  -1.235  11.572  1.00 58.32 ? 77  HOH A O   1 
HETATM 381 O O   . HOH G 5 .  ? -11.435 -3.337  2.598   1.00 46.79 ? 78  HOH A O   1 
HETATM 382 O O   . HOH G 5 .  ? -4.398  5.116   19.255  1.00 72.70 ? 79  HOH A O   1 
HETATM 383 O O   . HOH G 5 .  ? -5.766  5.124   15.583  1.00 54.42 ? 80  HOH A O   1 
HETATM 384 O O   . HOH G 5 .  ? 7.341   -5.093  -9.918  1.00 56.80 ? 81  HOH A O   1 
HETATM 385 O O   . HOH G 5 .  ? -0.886  -7.824  10.444  1.00 63.23 ? 82  HOH A O   1 
HETATM 386 O O   . HOH G 5 .  ? 10.216  4.344   19.740  1.00 57.22 ? 83  HOH A O   1 
HETATM 387 O O   . HOH G 5 .  ? -10.629 4.245   -5.299  1.00 67.17 ? 84  HOH A O   1 
HETATM 388 O O   . HOH G 5 .  ? -6.891  4.672   -8.869  1.00 63.46 ? 85  HOH A O   1 
HETATM 389 O O   . HOH G 5 .  ? 3.522   3.418   13.223  1.00 74.39 ? 86  HOH A O   1 
HETATM 390 O O   . HOH G 5 .  ? -8.539  -0.139  -4.133  1.00 63.53 ? 87  HOH A O   1 
HETATM 391 O O   . HOH G 5 .  ? 5.387   -3.229  6.428   1.00 54.20 ? 88  HOH A O   1 
HETATM 392 O O   . HOH G 5 .  ? -5.045  7.886   -3.571  1.00 61.82 ? 89  HOH A O   1 
HETATM 393 O O   . HOH G 5 .  ? -5.745  -8.378  -10.045 0.50 42.48 ? 90  HOH A O   1 
HETATM 394 O O   . HOH G 5 .  ? 9.746   -5.859  10.557  1.00 42.95 ? 91  HOH A O   1 
HETATM 395 O O   . HOH G 5 .  ? -4.577  -1.576  15.943  1.00 46.13 ? 92  HOH A O   1 
HETATM 396 O O   . HOH G 5 .  ? 0.496   4.437   14.002  1.00 72.78 ? 93  HOH A O   1 
HETATM 397 O O   . HOH G 5 .  ? 0.142   -9.527  2.580   1.00 59.31 ? 94  HOH A O   1 
HETATM 398 O O   . HOH G 5 .  ? -7.515  -3.313  9.044   1.00 74.12 ? 95  HOH A O   1 
HETATM 399 O O   . HOH G 5 .  ? -15.668 3.338   -5.658  1.00 75.95 ? 96  HOH A O   1 
HETATM 400 O O   . HOH G 5 .  ? 4.892   5.356   -8.198  1.00 55.01 ? 97  HOH A O   1 
HETATM 401 O O   . HOH G 5 .  ? -5.517  -4.378  15.070  1.00 64.95 ? 98  HOH A O   1 
HETATM 402 O O   . HOH G 5 .  ? -8.193  -7.088  -2.531  1.00 67.69 ? 99  HOH A O   1 
HETATM 403 O O   . HOH G 5 .  ? -9.318  11.221  4.411   1.00 45.77 ? 100 HOH A O   1 
HETATM 404 O O   . HOH G 5 .  ? 6.853   -5.677  11.102  1.00 57.75 ? 101 HOH A O   1 
HETATM 405 O O   . HOH G 5 .  ? 0.034   6.761   -8.183  1.00 50.37 ? 102 HOH A O   1 
HETATM 406 O O   . HOH G 5 .  ? 6.340   0.577   11.604  1.00 52.89 ? 103 HOH A O   1 
HETATM 407 O O   . HOH G 5 .  ? 8.122   -4.551  4.340   1.00 43.65 ? 104 HOH A O   1 
HETATM 408 O O   . HOH G 5 .  ? -0.203  8.570   21.737  1.00 65.61 ? 105 HOH A O   1 
HETATM 409 O O   . HOH G 5 .  ? -4.603  -4.655  -9.322  1.00 27.81 ? 106 HOH A O   1 
HETATM 410 O O   . HOH G 5 .  ? 4.971   -3.568  10.303  1.00 45.17 ? 107 HOH A O   1 
HETATM 411 O O   . HOH G 5 .  ? -0.800  -1.532  18.744  1.00 72.94 ? 108 HOH A O   1 
HETATM 412 O O   . HOH G 5 .  ? -8.804  9.549   -1.436  1.00 56.01 ? 109 HOH A O   1 
HETATM 413 O O   . HOH G 5 .  ? -13.050 -0.357  -6.543  1.00 60.07 ? 110 HOH A O   1 
HETATM 414 O O   . HOH G 5 .  ? -9.265  7.309   -3.070  1.00 40.91 ? 111 HOH A O   1 
HETATM 415 O O   . HOH G 5 .  ? 11.118  -5.540  -0.149  1.00 38.25 ? 112 HOH A O   1 
HETATM 416 O O   . HOH G 5 .  ? -1.086  7.321   -1.610  1.00 38.84 ? 113 HOH A O   1 
HETATM 417 O O   . HOH G 5 .  ? 1.763   -6.938  -11.821 1.00 37.69 ? 114 HOH A O   1 
HETATM 418 O O   . HOH G 5 .  ? 10.407  -3.356  2.597   1.00 43.58 ? 115 HOH A O   1 
HETATM 419 O O   . HOH G 5 .  ? -0.789  -4.298  17.905  1.00 58.46 ? 116 HOH A O   1 
HETATM 420 O O   . HOH G 5 .  ? -7.707  5.806   -4.975  1.00 62.35 ? 117 HOH A O   1 
HETATM 421 O O   . HOH G 5 .  ? -3.094  11.419  14.834  1.00 45.35 ? 118 HOH A O   1 
HETATM 422 O O   . HOH G 5 .  ? -3.631  -10.563 0.329   1.00 83.29 ? 119 HOH A O   1 
HETATM 423 O O   . HOH G 5 .  ? 8.226   -12.604 0.180   1.00 49.22 ? 120 HOH A O   1 
HETATM 424 O O   . HOH G 5 .  ? -5.663  -8.398  -0.995  1.00 71.11 ? 121 HOH A O   1 
HETATM 425 O O   . HOH G 5 .  ? -8.184  -4.734  -1.285  1.00 79.44 ? 122 HOH A O   1 
HETATM 426 O O   . HOH G 5 .  ? 4.705   -6.605  9.765   1.00 79.29 ? 123 HOH A O   1 
HETATM 427 O O   . HOH G 5 .  ? -0.218  -6.028  -15.515 1.00 40.25 ? 124 HOH A O   1 
HETATM 428 O O   . HOH G 5 .  ? 5.165   -10.617 2.555   1.00 66.25 ? 125 HOH A O   1 
HETATM 429 O O   . HOH G 5 .  ? -1.376  -13.342 1.740   1.00 73.12 ? 126 HOH A O   1 
HETATM 430 O O   . HOH G 5 .  ? 0.677   -1.589  12.918  1.00 68.28 ? 127 HOH A O   1 
HETATM 431 O O   . HOH G 5 .  ? -6.629  -9.577  6.891   1.00 47.15 ? 128 HOH A O   1 
HETATM 432 O O   . HOH G 5 .  ? -3.885  1.575   16.938  1.00 79.67 ? 129 HOH A O   1 
HETATM 433 O O   . HOH G 5 .  ? 1.782   1.473   11.837  1.00 62.72 ? 130 HOH A O   1 
HETATM 434 O O   . HOH G 5 .  ? 9.934   2.556   9.493   1.00 71.99 ? 131 HOH A O   1 
HETATM 435 O O   . HOH G 5 .  ? -1.979  4.427   18.263  1.00 87.39 ? 132 HOH A O   1 
HETATM 436 O O   . HOH G 5 .  ? -2.657  8.784   14.437  1.00 58.63 ? 133 HOH A O   1 
HETATM 437 O O   . HOH G 5 .  ? -2.075  6.367   -10.084 1.00 72.51 ? 134 HOH A O   1 
HETATM 438 O O   . HOH G 5 .  ? -7.027  5.417   -12.477 1.00 88.36 ? 135 HOH A O   1 
HETATM 439 O O   . HOH G 5 .  ? -11.123 1.074   -8.735  1.00 74.94 ? 136 HOH A O   1 
# 
